data_9NZ4
#
_entry.id   9NZ4
#
_cell.length_a   1.00
_cell.length_b   1.00
_cell.length_c   1.00
_cell.angle_alpha   90.00
_cell.angle_beta   90.00
_cell.angle_gamma   90.00
#
_symmetry.space_group_name_H-M   'P 1'
#
loop_
_entity.id
_entity.type
_entity.pdbx_description
1 polymer 'Membrane protein'
2 polymer 'FAb B light chain'
3 polymer 'FAb B heavy chain'
#
loop_
_entity_poly.entity_id
_entity_poly.type
_entity_poly.pdbx_seq_one_letter_code
_entity_poly.pdbx_strand_id
1 'polypeptide(L)'
;MADNGTITVEELKQLLEQWNLVIGFLFLAWIMLLQFAYSNRNRFLYIIKLVFLWLLWPVTLACFVLAAVYRINWVTGGIA
IAMACIVGLMWLSYFVASFRLFARTRSMWSFNPETNILLNVPLRGTIVTRPLMESELVIGAVIIRGHLRMAGHSLGRCDI
KDLPKEITVATSRTLSYYKLGASQRVGTDSGFAAYNRYRIGNYKLNTDHAGSNDNIALLVQSNSLEVLFQGPSRGGSGAA
AGSGSGSGSPSRLEEELRRRLTEGSEPEA
;
A,B
2 'polypeptide(L)'
;ASDIVMTQSPASLAVSLGQRATISCKASQSIDYDGDNYMNWYQQKPGQPPKLLIYTTSNLESGIPARFSGSGSGTDFTLN
IHPVEEGDAATYYCQQNNEDPYTFGGGTKLEIKRADAAPTVSIFPPSSEQLTSGGASVVCFLNNFYPKDINVKWKIDGSE
RQNGVLNSWTDQDSKDSTYSMSSTLTLTKDEYERHNSYTCEATHKTSTSPIVKSFNRNEC
;
C,E
3 'polypeptide(L)'
;EVQLQQSGPELVKPGASMKISCKTSGYSFTGYTMNWVKQSHGKNLEWIGLINPYNGDTSYNQKFKGKATLTVDKSSSTAY
MELLSLTSEDSAVYYCEVINTYWGQGTLVTVSAAKTTPPSVYPLAPGSAAQTNSMVTLGCLVKGYFPEPVTVTWNSGSLS
SGVHTFPAVLQSDLYTLSSSVTVPSSTWPSETVTCNVAHPASSTKVDKKIVPRDCGSGSHHHHHH
;
D,F
#
# COMPACT_ATOMS: atom_id res chain seq x y z
N LEU A 12 -5.72 -25.58 72.41
CA LEU A 12 -5.18 -24.74 71.35
C LEU A 12 -5.41 -25.38 69.97
N LYS A 13 -5.15 -26.69 69.85
CA LYS A 13 -5.30 -27.47 68.61
C LYS A 13 -4.52 -26.86 67.45
N GLN A 14 -3.30 -26.41 67.76
CA GLN A 14 -2.37 -25.78 66.82
C GLN A 14 -2.86 -24.45 66.27
N LEU A 15 -3.95 -23.92 66.82
CA LEU A 15 -4.46 -22.63 66.39
C LEU A 15 -4.43 -22.52 64.87
N LEU A 16 -5.06 -23.48 64.20
CA LEU A 16 -4.99 -23.61 62.74
C LEU A 16 -5.75 -22.49 62.06
N GLU A 17 -6.50 -21.73 62.84
CA GLU A 17 -7.25 -20.61 62.30
C GLU A 17 -6.29 -19.63 61.65
N GLN A 18 -5.05 -19.63 62.12
CA GLN A 18 -4.04 -18.75 61.55
C GLN A 18 -3.70 -19.14 60.13
N TRP A 19 -3.78 -20.43 59.81
CA TRP A 19 -3.45 -20.88 58.46
C TRP A 19 -4.58 -20.49 57.52
N ASN A 20 -5.80 -20.44 58.05
CA ASN A 20 -6.95 -20.02 57.25
C ASN A 20 -6.82 -18.54 56.89
N LEU A 21 -6.29 -17.75 57.81
CA LEU A 21 -6.10 -16.34 57.52
C LEU A 21 -5.03 -16.14 56.44
N VAL A 22 -3.97 -16.94 56.50
CA VAL A 22 -2.89 -16.83 55.52
C VAL A 22 -3.36 -17.15 54.11
N ILE A 23 -4.11 -18.24 53.95
CA ILE A 23 -4.59 -18.60 52.62
C ILE A 23 -5.69 -17.66 52.16
N GLY A 24 -6.46 -17.12 53.10
CA GLY A 24 -7.48 -16.13 52.77
C GLY A 24 -6.81 -14.95 52.06
N PHE A 25 -5.74 -14.43 52.66
CA PHE A 25 -5.02 -13.30 52.08
C PHE A 25 -4.29 -13.68 50.78
N LEU A 26 -3.71 -14.87 50.75
CA LEU A 26 -2.98 -15.29 49.56
C LEU A 26 -3.90 -15.44 48.35
N PHE A 27 -5.08 -16.03 48.55
CA PHE A 27 -6.03 -16.15 47.47
C PHE A 27 -6.54 -14.78 47.06
N LEU A 28 -6.78 -13.92 48.05
CA LEU A 28 -7.31 -12.59 47.75
C LEU A 28 -6.36 -11.82 46.86
N ALA A 29 -5.06 -12.04 47.03
CA ALA A 29 -4.06 -11.36 46.21
C ALA A 29 -4.27 -11.66 44.73
N TRP A 30 -4.68 -12.89 44.41
CA TRP A 30 -4.88 -13.26 43.01
C TRP A 30 -6.17 -12.66 42.48
N ILE A 31 -7.15 -12.53 43.35
CA ILE A 31 -8.39 -11.90 42.95
C ILE A 31 -8.12 -10.46 42.56
N MET A 32 -7.32 -9.77 43.37
CA MET A 32 -6.97 -8.39 43.08
C MET A 32 -6.09 -8.29 41.83
N LEU A 33 -5.03 -9.09 41.76
CA LEU A 33 -4.09 -8.97 40.64
C LEU A 33 -4.75 -9.24 39.30
N LEU A 34 -5.63 -10.22 39.26
CA LEU A 34 -6.23 -10.62 38.00
C LEU A 34 -7.40 -9.71 37.60
N GLN A 35 -7.74 -8.76 38.46
CA GLN A 35 -8.82 -7.83 38.17
C GLN A 35 -8.30 -6.40 37.96
N PHE A 36 -7.17 -6.07 38.59
CA PHE A 36 -6.64 -4.71 38.51
C PHE A 36 -5.28 -4.60 37.81
N ALA A 37 -4.57 -5.72 37.64
CA ALA A 37 -3.24 -5.70 37.06
C ALA A 37 -3.21 -6.56 35.80
N TYR A 38 -4.34 -6.60 35.11
CA TYR A 38 -4.49 -7.34 33.88
C TYR A 38 -3.84 -6.62 32.71
N SER A 39 -3.48 -7.38 31.68
CA SER A 39 -2.91 -6.84 30.45
C SER A 39 -1.67 -5.98 30.66
N ASN A 40 -0.82 -6.38 31.60
CA ASN A 40 0.43 -5.68 31.81
C ASN A 40 0.21 -4.20 32.13
N ARG A 41 0.28 -3.35 31.10
CA ARG A 41 0.15 -1.90 31.24
C ARG A 41 1.26 -1.32 32.11
N ASN A 42 0.93 -1.01 33.36
CA ASN A 42 1.89 -0.38 34.26
C ASN A 42 2.98 -1.37 34.64
N ARG A 43 4.23 -1.02 34.33
CA ARG A 43 5.36 -1.90 34.57
C ARG A 43 5.51 -2.26 36.04
N PHE A 44 4.99 -1.40 36.92
CA PHE A 44 5.11 -1.62 38.35
C PHE A 44 4.11 -2.65 38.85
N LEU A 45 3.05 -2.90 38.10
CA LEU A 45 2.10 -3.93 38.49
C LEU A 45 2.56 -5.24 37.90
N TYR A 46 3.13 -5.18 36.71
CA TYR A 46 3.59 -6.37 36.02
C TYR A 46 4.74 -7.01 36.77
N ILE A 47 5.70 -6.20 37.18
CA ILE A 47 6.86 -6.73 37.86
C ILE A 47 6.49 -7.38 39.18
N ILE A 48 5.43 -6.90 39.81
CA ILE A 48 4.94 -7.51 41.05
C ILE A 48 4.21 -8.81 40.78
N LYS A 49 3.33 -8.82 39.78
CA LYS A 49 2.60 -10.03 39.43
C LYS A 49 3.57 -11.19 39.21
N LEU A 50 4.70 -10.89 38.57
CA LEU A 50 5.71 -11.90 38.30
C LEU A 50 6.32 -12.44 39.58
N VAL A 51 6.31 -11.63 40.65
CA VAL A 51 6.81 -12.14 41.96
C VAL A 51 5.84 -13.21 42.49
N PHE A 52 4.56 -12.85 42.71
CA PHE A 52 3.56 -13.84 43.16
C PHE A 52 3.76 -15.19 42.50
N LEU A 53 3.68 -15.28 41.17
CA LEU A 53 3.76 -16.60 40.48
C LEU A 53 5.04 -17.31 40.89
N TRP A 54 6.05 -16.58 41.35
CA TRP A 54 7.31 -17.28 41.66
C TRP A 54 7.18 -17.84 43.06
N LEU A 55 6.13 -17.46 43.79
CA LEU A 55 5.90 -17.99 45.16
C LEU A 55 4.65 -18.89 45.15
N LEU A 56 4.45 -19.70 44.12
CA LEU A 56 3.33 -20.68 44.09
C LEU A 56 3.98 -22.05 44.07
N TRP A 57 5.25 -22.12 43.70
CA TRP A 57 5.98 -23.41 43.75
C TRP A 57 6.34 -23.76 45.19
N PRO A 58 6.86 -22.83 46.02
CA PRO A 58 7.13 -23.11 47.42
C PRO A 58 5.87 -23.23 48.28
N VAL A 59 4.78 -22.55 47.89
CA VAL A 59 3.55 -22.68 48.64
C VAL A 59 2.89 -24.03 48.38
N THR A 60 2.81 -24.42 47.12
CA THR A 60 2.19 -25.68 46.76
C THR A 60 3.00 -26.80 47.39
N LEU A 61 4.32 -26.70 47.30
CA LEU A 61 5.19 -27.72 47.85
C LEU A 61 5.00 -27.84 49.35
N ALA A 62 4.98 -26.71 50.05
CA ALA A 62 4.82 -26.74 51.50
C ALA A 62 3.52 -27.42 51.91
N CYS A 63 2.46 -27.22 51.13
CA CYS A 63 1.18 -27.82 51.46
C CYS A 63 1.27 -29.34 51.43
N PHE A 64 1.90 -29.87 50.38
CA PHE A 64 2.03 -31.31 50.26
C PHE A 64 3.06 -31.88 51.23
N VAL A 65 4.13 -31.13 51.49
CA VAL A 65 5.14 -31.62 52.42
C VAL A 65 4.61 -31.67 53.84
N LEU A 66 3.91 -30.63 54.25
CA LEU A 66 3.34 -30.57 55.59
C LEU A 66 2.40 -31.74 55.82
N ALA A 67 1.63 -32.10 54.80
CA ALA A 67 0.67 -33.18 54.88
C ALA A 67 1.35 -34.54 55.01
N ALA A 68 2.65 -34.59 54.70
CA ALA A 68 3.41 -35.83 54.77
C ALA A 68 4.00 -36.00 56.16
N VAL A 69 3.78 -35.00 57.02
CA VAL A 69 4.24 -35.03 58.39
C VAL A 69 3.07 -35.28 59.31
N TYR A 70 2.04 -34.45 59.18
CA TYR A 70 0.83 -34.60 59.97
C TYR A 70 -0.11 -35.56 59.25
N ARG A 71 0.31 -36.80 59.19
CA ARG A 71 -0.37 -37.84 58.43
C ARG A 71 -1.61 -38.37 59.15
N ILE A 72 -2.63 -38.67 58.36
CA ILE A 72 -3.84 -39.31 58.86
C ILE A 72 -3.72 -40.82 58.72
N ASN A 73 -3.22 -41.24 57.57
CA ASN A 73 -3.01 -42.64 57.27
C ASN A 73 -1.88 -42.81 56.25
N TRP A 74 -1.53 -44.05 55.95
CA TRP A 74 -0.41 -44.34 55.04
C TRP A 74 -0.70 -43.96 53.60
N VAL A 75 -1.96 -44.09 53.20
CA VAL A 75 -2.31 -43.77 51.82
C VAL A 75 -2.16 -42.28 51.56
N THR A 76 -2.67 -41.47 52.48
CA THR A 76 -2.59 -40.03 52.35
C THR A 76 -1.14 -39.59 52.35
N GLY A 77 -0.34 -40.17 53.24
CA GLY A 77 1.07 -39.85 53.33
C GLY A 77 1.78 -40.12 52.02
N GLY A 78 1.55 -41.30 51.45
CA GLY A 78 2.19 -41.69 50.20
C GLY A 78 1.84 -40.73 49.07
N ILE A 79 0.57 -40.32 49.01
CA ILE A 79 0.14 -39.38 47.98
C ILE A 79 0.80 -38.03 48.17
N ALA A 80 0.79 -37.53 49.40
CA ALA A 80 1.36 -36.23 49.68
C ALA A 80 2.83 -36.18 49.27
N ILE A 81 3.54 -37.29 49.49
CA ILE A 81 4.95 -37.33 49.11
C ILE A 81 5.12 -37.31 47.60
N ALA A 82 4.34 -38.11 46.90
CA ALA A 82 4.43 -38.16 45.45
C ALA A 82 4.12 -36.80 44.83
N MET A 83 3.12 -36.11 45.38
CA MET A 83 2.74 -34.81 44.83
C MET A 83 3.81 -33.77 45.10
N ALA A 84 4.43 -33.84 46.28
CA ALA A 84 5.50 -32.92 46.60
C ALA A 84 6.67 -33.11 45.64
N CYS A 85 6.92 -34.36 45.26
CA CYS A 85 8.02 -34.67 44.35
C CYS A 85 7.81 -34.01 43.00
N ILE A 86 6.58 -34.08 42.49
CA ILE A 86 6.24 -33.48 41.21
C ILE A 86 6.42 -31.98 41.25
N VAL A 87 5.96 -31.34 42.32
CA VAL A 87 6.10 -29.89 42.44
C VAL A 87 7.56 -29.51 42.50
N GLY A 88 8.39 -30.36 43.11
CA GLY A 88 9.83 -30.09 43.11
C GLY A 88 10.38 -30.06 41.70
N LEU A 89 9.95 -31.01 40.86
CA LEU A 89 10.52 -31.09 39.48
C LEU A 89 10.11 -29.85 38.66
N MET A 90 8.95 -29.25 38.96
CA MET A 90 8.58 -27.99 38.27
C MET A 90 9.62 -26.90 38.58
N TRP A 91 9.78 -26.54 39.86
CA TRP A 91 10.74 -25.47 40.23
C TRP A 91 12.10 -25.81 39.66
N LEU A 92 12.41 -27.09 39.49
CA LEU A 92 13.78 -27.44 39.04
C LEU A 92 13.95 -27.13 37.54
N SER A 93 12.88 -27.19 36.75
CA SER A 93 12.98 -26.78 35.34
C SER A 93 13.12 -25.25 35.24
N TYR A 94 12.24 -24.50 35.92
CA TYR A 94 12.29 -23.01 35.87
C TYR A 94 13.72 -22.55 36.08
N PHE A 95 14.41 -23.14 37.04
CA PHE A 95 15.80 -22.71 37.36
C PHE A 95 16.70 -23.11 36.22
N VAL A 96 16.52 -24.29 35.66
CA VAL A 96 17.48 -24.69 34.60
C VAL A 96 17.26 -23.81 33.37
N ALA A 97 16.00 -23.58 32.96
CA ALA A 97 15.68 -22.81 31.77
C ALA A 97 16.10 -21.35 31.90
N SER A 98 15.89 -20.76 33.08
CA SER A 98 16.19 -19.34 33.27
C SER A 98 17.69 -19.05 33.22
N PHE A 99 18.49 -19.93 33.81
CA PHE A 99 19.93 -19.70 33.79
C PHE A 99 20.48 -19.82 32.37
N ARG A 100 19.99 -20.78 31.60
CA ARG A 100 20.48 -20.94 30.23
C ARG A 100 20.11 -19.76 29.36
N LEU A 101 18.93 -19.19 29.57
CA LEU A 101 18.53 -18.01 28.82
C LEU A 101 19.40 -16.82 29.20
N PHE A 102 19.67 -16.66 30.49
CA PHE A 102 20.51 -15.57 31.01
C PHE A 102 21.89 -15.59 30.37
N ALA A 103 22.42 -16.80 30.21
CA ALA A 103 23.75 -16.98 29.63
C ALA A 103 23.86 -16.33 28.24
N ARG A 104 22.76 -16.27 27.50
CA ARG A 104 22.80 -15.66 26.17
C ARG A 104 22.43 -14.19 26.28
N THR A 105 21.30 -13.91 26.93
CA THR A 105 20.85 -12.54 27.10
C THR A 105 21.03 -12.12 28.54
N ARG A 106 22.05 -11.31 28.79
CA ARG A 106 22.42 -10.95 30.15
C ARG A 106 21.53 -9.87 30.70
N SER A 107 20.30 -10.25 30.98
CA SER A 107 19.28 -9.35 31.50
C SER A 107 18.44 -10.05 32.54
N MET A 108 17.97 -9.29 33.52
CA MET A 108 17.20 -9.84 34.62
C MET A 108 15.82 -10.31 34.18
N TRP A 109 15.43 -9.93 32.96
CA TRP A 109 14.16 -10.35 32.40
C TRP A 109 14.15 -11.84 32.08
N SER A 110 15.32 -12.46 32.12
CA SER A 110 15.45 -13.88 31.84
C SER A 110 14.96 -14.73 33.00
N PHE A 111 14.67 -14.11 34.14
CA PHE A 111 14.21 -14.82 35.32
C PHE A 111 12.73 -14.61 35.60
N ASN A 112 11.91 -14.70 34.56
CA ASN A 112 10.47 -14.57 34.73
C ASN A 112 9.83 -15.95 34.71
N PRO A 113 8.80 -16.20 35.52
CA PRO A 113 7.99 -17.41 35.56
C PRO A 113 6.85 -17.43 34.54
N GLU A 114 7.11 -17.02 33.31
CA GLU A 114 6.09 -17.10 32.27
C GLU A 114 6.61 -17.77 31.00
N THR A 115 7.69 -17.25 30.43
CA THR A 115 8.20 -17.77 29.17
C THR A 115 9.70 -17.76 29.06
N ASN A 116 10.21 -18.21 27.92
CA ASN A 116 11.65 -18.28 27.67
C ASN A 116 12.07 -17.53 26.41
N ILE A 117 11.30 -16.52 26.05
CA ILE A 117 11.57 -15.74 24.86
C ILE A 117 11.56 -14.26 25.19
N LEU A 118 12.57 -13.50 24.75
CA LEU A 118 12.58 -12.06 25.00
C LEU A 118 12.48 -11.22 23.73
N LEU A 119 11.69 -10.16 23.83
CA LEU A 119 11.50 -9.18 22.75
C LEU A 119 12.26 -7.89 23.04
N ASN A 120 13.11 -7.47 22.10
CA ASN A 120 13.93 -6.26 22.27
C ASN A 120 13.60 -5.18 21.25
N VAL A 121 13.08 -4.05 21.73
CA VAL A 121 12.67 -2.95 20.86
C VAL A 121 13.37 -1.64 21.24
N PRO A 122 14.27 -1.11 20.40
CA PRO A 122 15.05 0.08 20.64
C PRO A 122 14.17 1.33 20.63
N LEU A 123 14.18 2.08 21.72
CA LEU A 123 13.34 3.27 21.88
C LEU A 123 13.98 4.33 22.74
N ARG A 124 13.88 5.58 22.31
CA ARG A 124 14.28 6.72 23.11
C ARG A 124 15.72 6.64 23.60
N GLY A 125 16.62 6.15 22.75
CA GLY A 125 18.04 6.11 23.08
C GLY A 125 18.49 4.83 23.78
N THR A 126 17.55 3.98 24.15
CA THR A 126 17.89 2.74 24.84
C THR A 126 17.13 1.55 24.26
N ILE A 127 17.27 0.40 24.90
CA ILE A 127 16.57 -0.80 24.45
C ILE A 127 15.59 -1.30 25.49
N VAL A 128 14.34 -1.48 25.08
CA VAL A 128 13.29 -1.96 25.98
C VAL A 128 13.10 -3.46 25.82
N THR A 129 13.18 -4.19 26.92
CA THR A 129 13.04 -5.65 26.86
C THR A 129 11.83 -6.14 27.63
N ARG A 130 11.07 -7.03 27.01
CA ARG A 130 9.92 -7.68 27.65
C ARG A 130 9.84 -9.15 27.23
N PRO A 131 9.27 -10.04 28.06
CA PRO A 131 8.91 -11.41 27.76
C PRO A 131 7.92 -11.52 26.61
N LEU A 132 8.16 -12.47 25.72
CA LEU A 132 7.30 -12.72 24.55
C LEU A 132 6.72 -14.13 24.61
N MET A 133 5.41 -14.25 24.49
CA MET A 133 4.79 -15.57 24.66
C MET A 133 5.10 -16.57 23.55
N GLU A 134 5.27 -16.09 22.32
CA GLU A 134 5.57 -17.00 21.21
C GLU A 134 6.29 -16.29 20.07
N SER A 135 7.17 -17.02 19.39
CA SER A 135 7.93 -16.49 18.26
C SER A 135 7.40 -16.99 16.93
N GLU A 136 6.89 -16.07 16.12
CA GLU A 136 6.28 -16.42 14.84
C GLU A 136 6.86 -15.59 13.70
N LEU A 137 6.39 -15.85 12.49
CA LEU A 137 6.87 -15.15 11.30
C LEU A 137 6.54 -13.68 11.32
N VAL A 138 5.34 -13.34 11.79
CA VAL A 138 4.90 -11.95 11.73
C VAL A 138 4.51 -11.42 13.10
N ILE A 139 5.06 -10.26 13.45
CA ILE A 139 4.72 -9.58 14.69
C ILE A 139 4.06 -8.25 14.40
N GLY A 140 2.85 -8.04 14.90
CA GLY A 140 2.15 -6.79 14.66
C GLY A 140 2.50 -5.76 15.71
N ALA A 141 2.25 -4.50 15.41
CA ALA A 141 2.46 -3.43 16.38
C ALA A 141 1.35 -2.40 16.25
N VAL A 142 0.87 -1.89 17.38
CA VAL A 142 -0.20 -0.91 17.34
C VAL A 142 0.16 0.35 18.11
N ILE A 143 -0.10 1.50 17.52
CA ILE A 143 0.18 2.75 18.19
C ILE A 143 -1.12 3.46 18.54
N ILE A 144 -1.36 3.68 19.81
CA ILE A 144 -2.59 4.35 20.24
C ILE A 144 -2.29 5.65 20.96
N ARG A 145 -2.73 6.74 20.36
CA ARG A 145 -2.50 8.07 20.90
C ARG A 145 -1.03 8.31 21.25
N GLY A 146 -0.13 7.81 20.42
CA GLY A 146 1.30 8.05 20.61
C GLY A 146 2.02 7.01 21.48
N HIS A 147 1.32 5.97 21.92
CA HIS A 147 1.95 4.95 22.76
C HIS A 147 2.00 3.60 22.04
N LEU A 148 3.11 2.90 22.17
CA LEU A 148 3.31 1.64 21.44
C LEU A 148 2.96 0.41 22.25
N ARG A 149 2.15 -0.46 21.65
CA ARG A 149 1.76 -1.73 22.25
C ARG A 149 2.16 -2.92 21.36
N MET A 150 2.95 -3.83 21.91
CA MET A 150 3.40 -5.00 21.15
C MET A 150 3.35 -6.27 21.96
N ALA A 151 2.66 -7.28 21.44
CA ALA A 151 2.56 -8.58 22.08
C ALA A 151 2.03 -8.48 23.51
N GLY A 152 1.11 -7.53 23.72
CA GLY A 152 0.48 -7.36 25.02
C GLY A 152 1.21 -6.39 25.94
N HIS A 153 2.39 -5.93 25.56
CA HIS A 153 3.17 -5.05 26.44
C HIS A 153 3.14 -3.60 26.00
N SER A 154 3.17 -2.69 26.97
CA SER A 154 3.32 -1.28 26.70
C SER A 154 4.80 -0.93 26.72
N LEU A 155 5.30 -0.36 25.63
CA LEU A 155 6.73 -0.06 25.53
C LEU A 155 7.01 1.43 25.68
N GLY A 156 6.01 2.17 26.12
CA GLY A 156 6.15 3.60 26.33
C GLY A 156 5.78 4.41 25.10
N ARG A 157 6.18 5.68 25.11
CA ARG A 157 5.79 6.63 24.07
C ARG A 157 6.62 6.48 22.81
N CYS A 158 5.94 6.49 21.67
CA CYS A 158 6.57 6.39 20.37
C CYS A 158 5.65 6.88 19.25
N ASP A 159 6.08 7.92 18.54
CA ASP A 159 5.31 8.44 17.42
C ASP A 159 5.49 7.51 16.23
N ILE A 160 4.57 7.53 15.29
CA ILE A 160 4.67 6.61 14.16
C ILE A 160 5.89 6.90 13.29
N LYS A 161 6.25 8.17 13.17
CA LYS A 161 7.38 8.54 12.32
C LYS A 161 8.71 8.07 12.93
N ASP A 162 8.70 7.76 14.23
CA ASP A 162 9.92 7.38 14.93
C ASP A 162 9.98 5.87 15.19
N LEU A 163 9.04 5.13 14.62
CA LEU A 163 8.94 3.71 14.86
C LEU A 163 10.19 3.00 14.33
N PRO A 164 10.85 2.12 15.12
CA PRO A 164 12.07 1.41 14.80
C PRO A 164 11.98 0.63 13.51
N LYS A 165 13.07 0.57 12.76
CA LYS A 165 13.11 -0.16 11.51
C LYS A 165 13.51 -1.60 11.71
N GLU A 166 13.91 -1.95 12.93
CA GLU A 166 14.30 -3.31 13.24
C GLU A 166 14.11 -3.65 14.71
N ILE A 167 13.59 -4.84 14.96
CA ILE A 167 13.46 -5.37 16.32
C ILE A 167 14.03 -6.78 16.35
N THR A 168 14.36 -7.28 17.54
CA THR A 168 14.85 -8.65 17.62
C THR A 168 14.15 -9.48 18.68
N VAL A 169 14.17 -10.79 18.48
CA VAL A 169 13.65 -11.75 19.45
C VAL A 169 14.71 -12.78 19.79
N ALA A 170 15.00 -12.94 21.07
CA ALA A 170 16.06 -13.86 21.47
C ALA A 170 15.54 -14.99 22.33
N THR A 171 16.09 -16.17 22.11
CA THR A 171 15.80 -17.36 22.91
C THR A 171 17.12 -17.95 23.36
N SER A 172 17.06 -19.05 24.09
CA SER A 172 18.27 -19.72 24.55
C SER A 172 19.00 -20.44 23.42
N ARG A 173 18.36 -20.57 22.26
CA ARG A 173 18.96 -21.29 21.14
C ARG A 173 19.21 -20.46 19.89
N THR A 174 18.30 -19.54 19.56
CA THR A 174 18.38 -18.78 18.31
C THR A 174 18.14 -17.28 18.50
N LEU A 175 18.42 -16.52 17.44
CA LEU A 175 18.17 -15.09 17.42
C LEU A 175 17.51 -14.66 16.12
N SER A 176 16.36 -14.00 16.21
CA SER A 176 15.64 -13.59 15.02
C SER A 176 15.62 -12.08 14.84
N TYR A 177 15.70 -11.64 13.58
CA TYR A 177 15.61 -10.22 13.26
C TYR A 177 14.39 -9.95 12.39
N TYR A 178 13.60 -8.96 12.81
CA TYR A 178 12.39 -8.62 12.09
C TYR A 178 12.50 -7.23 11.46
N LYS A 179 12.17 -7.15 10.18
CA LYS A 179 12.25 -5.92 9.41
C LYS A 179 10.91 -5.22 9.35
N LEU A 180 10.91 -3.90 9.54
CA LEU A 180 9.66 -3.17 9.42
C LEU A 180 9.14 -3.24 8.00
N GLY A 181 7.88 -3.64 7.86
CA GLY A 181 7.26 -3.76 6.55
C GLY A 181 6.30 -2.61 6.31
N ALA A 182 5.03 -2.92 6.22
CA ALA A 182 4.02 -1.91 5.97
C ALA A 182 3.70 -1.12 7.23
N SER A 183 3.29 0.12 7.03
CA SER A 183 2.83 0.96 8.13
C SER A 183 1.79 1.95 7.63
N GLN A 184 0.93 2.42 8.52
CA GLN A 184 -0.10 3.38 8.15
C GLN A 184 -0.48 4.29 9.31
N ARG A 185 -0.92 5.51 9.00
CA ARG A 185 -1.42 6.42 10.00
C ARG A 185 -2.93 6.35 10.06
N VAL A 186 -3.49 6.22 11.26
CA VAL A 186 -4.94 6.15 11.41
C VAL A 186 -5.45 7.09 12.48
N GLY A 187 -6.16 8.15 12.08
CA GLY A 187 -6.73 9.06 13.07
C GLY A 187 -5.73 10.07 13.63
N THR A 188 -4.76 10.47 12.81
CA THR A 188 -3.74 11.45 13.16
C THR A 188 -2.70 10.95 14.17
N ASP A 189 -3.11 10.72 15.41
CA ASP A 189 -2.13 10.34 16.43
C ASP A 189 -1.88 8.84 16.48
N SER A 190 -2.90 8.07 16.15
CA SER A 190 -2.79 6.62 16.21
C SER A 190 -2.28 6.08 14.89
N GLY A 191 -1.90 4.82 14.87
CA GLY A 191 -1.40 4.23 13.65
C GLY A 191 -1.18 2.73 13.80
N PHE A 192 -0.55 2.14 12.80
CA PHE A 192 -0.39 0.71 12.77
C PHE A 192 0.82 0.28 11.94
N ALA A 193 1.48 -0.81 12.34
CA ALA A 193 2.60 -1.35 11.56
C ALA A 193 2.77 -2.84 11.76
N ALA A 194 3.51 -3.49 10.86
CA ALA A 194 3.81 -4.90 11.02
C ALA A 194 5.27 -5.20 10.71
N TYR A 195 5.84 -6.14 11.46
CA TYR A 195 7.22 -6.57 11.29
C TYR A 195 7.33 -7.99 10.74
N ASN A 196 8.13 -8.17 9.70
CA ASN A 196 8.28 -9.46 9.05
C ASN A 196 9.66 -10.05 9.28
N ARG A 197 9.74 -11.28 9.76
CA ARG A 197 11.05 -11.89 9.99
C ARG A 197 11.82 -11.98 8.68
N TYR A 198 13.08 -11.55 8.68
CA TYR A 198 13.86 -11.58 7.44
C TYR A 198 15.16 -12.33 7.61
N ARG A 199 15.64 -12.42 8.85
CA ARG A 199 16.90 -13.10 9.12
C ARG A 199 16.84 -13.95 10.36
N ILE A 200 17.43 -15.13 10.28
CA ILE A 200 17.54 -16.03 11.41
C ILE A 200 19.01 -16.31 11.71
N GLY A 201 19.37 -16.19 12.98
CA GLY A 201 20.72 -16.54 13.40
C GLY A 201 20.67 -17.58 14.50
N ASN A 202 21.83 -18.06 14.92
CA ASN A 202 21.90 -19.07 15.97
C ASN A 202 22.58 -18.49 17.21
N TYR A 203 22.30 -19.11 18.38
CA TYR A 203 22.88 -18.74 19.68
C TYR A 203 22.25 -17.44 20.19
N LEU B 12 -14.38 -35.36 69.54
CA LEU B 12 -14.03 -34.00 69.14
C LEU B 12 -12.54 -33.83 68.86
N LYS B 13 -11.69 -34.68 69.46
CA LYS B 13 -10.23 -34.60 69.32
C LYS B 13 -9.76 -35.22 68.01
N GLN B 14 -10.13 -34.59 66.92
CA GLN B 14 -9.76 -35.02 65.58
C GLN B 14 -8.75 -34.09 64.96
N LEU B 15 -8.01 -34.58 63.96
CA LEU B 15 -7.04 -33.74 63.29
C LEU B 15 -7.72 -32.79 62.33
N LEU B 16 -8.62 -33.32 61.51
CA LEU B 16 -9.35 -32.52 60.53
C LEU B 16 -8.39 -31.71 59.65
N GLU B 17 -7.24 -32.29 59.32
CA GLU B 17 -6.22 -31.59 58.54
C GLU B 17 -6.19 -32.00 57.08
N GLN B 18 -7.17 -32.79 56.64
CA GLN B 18 -7.21 -33.27 55.27
C GLN B 18 -7.44 -32.15 54.28
N TRP B 19 -7.84 -30.99 54.78
CA TRP B 19 -8.04 -29.83 53.93
C TRP B 19 -6.71 -29.39 53.31
N ASN B 20 -5.60 -29.84 53.90
CA ASN B 20 -4.29 -29.54 53.36
C ASN B 20 -4.07 -30.24 52.03
N LEU B 21 -4.71 -31.39 51.84
CA LEU B 21 -4.56 -32.10 50.57
C LEU B 21 -5.45 -31.42 49.55
N VAL B 22 -6.60 -30.95 50.01
CA VAL B 22 -7.55 -30.29 49.13
C VAL B 22 -6.96 -29.00 48.58
N ILE B 23 -6.34 -28.20 49.44
CA ILE B 23 -5.73 -26.96 49.01
C ILE B 23 -4.46 -27.24 48.21
N GLY B 24 -3.74 -28.29 48.58
CA GLY B 24 -2.55 -28.67 47.85
C GLY B 24 -2.88 -28.95 46.39
N PHE B 25 -3.93 -29.74 46.17
CA PHE B 25 -4.34 -30.07 44.81
C PHE B 25 -4.90 -28.87 44.08
N LEU B 26 -5.58 -27.98 44.79
CA LEU B 26 -6.12 -26.79 44.14
C LEU B 26 -4.99 -25.89 43.63
N PHE B 27 -3.95 -25.71 44.44
CA PHE B 27 -2.80 -24.92 44.00
C PHE B 27 -2.10 -25.60 42.84
N LEU B 28 -2.00 -26.92 42.89
CA LEU B 28 -1.35 -27.67 41.82
C LEU B 28 -2.11 -27.48 40.51
N ALA B 29 -3.44 -27.47 40.59
CA ALA B 29 -4.27 -27.26 39.40
C ALA B 29 -3.97 -25.91 38.76
N TRP B 30 -3.78 -24.89 39.59
CA TRP B 30 -3.48 -23.56 39.07
C TRP B 30 -2.14 -23.54 38.35
N ILE B 31 -1.17 -24.24 38.91
CA ILE B 31 0.15 -24.31 38.28
C ILE B 31 0.05 -24.97 36.91
N MET B 32 -0.71 -26.05 36.82
CA MET B 32 -0.88 -26.74 35.54
C MET B 32 -1.57 -25.85 34.50
N LEU B 33 -2.61 -25.14 34.90
CA LEU B 33 -3.36 -24.28 33.99
C LEU B 33 -2.51 -23.15 33.42
N LEU B 34 -1.59 -22.65 34.24
CA LEU B 34 -0.74 -21.55 33.81
C LEU B 34 0.55 -22.03 33.15
N GLN B 35 0.72 -23.35 33.03
CA GLN B 35 1.94 -23.89 32.46
C GLN B 35 1.70 -24.67 31.17
N PHE B 36 0.70 -25.55 31.16
CA PHE B 36 0.46 -26.42 30.02
C PHE B 36 -0.76 -25.97 29.22
N ALA B 37 -1.22 -24.77 29.51
CA ALA B 37 -2.33 -24.16 28.81
C ALA B 37 -2.06 -22.67 28.68
N TYR B 38 -2.60 -21.90 29.63
CA TYR B 38 -2.38 -20.45 29.70
C TYR B 38 -2.97 -19.72 28.49
N SER B 39 -2.34 -19.90 27.34
CA SER B 39 -2.75 -19.29 26.09
C SER B 39 -4.05 -19.86 25.57
N ASN B 40 -4.84 -19.02 24.92
CA ASN B 40 -6.13 -19.44 24.40
C ASN B 40 -5.97 -20.13 23.06
N ARG B 41 -5.36 -21.32 23.09
CA ARG B 41 -5.05 -22.08 21.89
C ARG B 41 -6.27 -22.82 21.35
N ASN B 42 -7.19 -23.17 22.25
CA ASN B 42 -8.43 -23.83 21.85
C ASN B 42 -9.53 -23.50 22.85
N ARG B 43 -10.77 -23.73 22.45
CA ARG B 43 -11.89 -23.35 23.31
C ARG B 43 -12.03 -24.22 24.54
N PHE B 44 -11.59 -25.45 24.49
CA PHE B 44 -11.79 -26.34 25.62
C PHE B 44 -10.93 -25.92 26.81
N LEU B 45 -9.66 -25.64 26.56
CA LEU B 45 -8.78 -25.22 27.63
C LEU B 45 -9.21 -23.86 28.15
N TYR B 46 -9.66 -22.99 27.25
CA TYR B 46 -10.08 -21.66 27.65
C TYR B 46 -11.29 -21.74 28.57
N ILE B 47 -12.27 -22.57 28.23
CA ILE B 47 -13.46 -22.71 29.06
C ILE B 47 -13.10 -23.23 30.45
N ILE B 48 -12.20 -24.21 30.53
CA ILE B 48 -11.81 -24.73 31.84
C ILE B 48 -11.15 -23.64 32.67
N LYS B 49 -10.25 -22.87 32.05
CA LYS B 49 -9.59 -21.80 32.77
C LYS B 49 -10.59 -20.81 33.33
N LEU B 50 -11.63 -20.48 32.55
CA LEU B 50 -12.63 -19.53 33.01
C LEU B 50 -13.39 -20.08 34.21
N VAL B 51 -13.56 -21.40 34.29
CA VAL B 51 -14.22 -21.99 35.45
C VAL B 51 -13.39 -21.82 36.71
N PHE B 52 -12.09 -22.10 36.61
CA PHE B 52 -11.22 -21.95 37.77
C PHE B 52 -11.16 -20.50 38.24
N LEU B 53 -11.21 -19.57 37.31
CA LEU B 53 -11.21 -18.15 37.64
C LEU B 53 -12.54 -17.73 38.26
N TRP B 54 -13.53 -18.62 38.22
CA TRP B 54 -14.85 -18.36 38.77
C TRP B 54 -14.98 -18.96 40.17
N LEU B 55 -14.56 -20.22 40.31
CA LEU B 55 -14.66 -20.95 41.57
C LEU B 55 -13.80 -20.31 42.66
N LEU B 56 -12.82 -19.53 42.23
CA LEU B 56 -11.91 -18.85 43.14
C LEU B 56 -12.68 -17.95 44.10
N TRP B 57 -13.82 -17.43 43.66
CA TRP B 57 -14.61 -16.52 44.47
C TRP B 57 -15.12 -17.14 45.79
N PRO B 58 -15.94 -18.22 45.77
CA PRO B 58 -16.42 -18.93 46.94
C PRO B 58 -15.31 -19.60 47.76
N VAL B 59 -14.18 -19.94 47.13
CA VAL B 59 -13.08 -20.54 47.89
C VAL B 59 -12.45 -19.50 48.81
N THR B 60 -12.18 -18.33 48.27
CA THR B 60 -11.60 -17.27 49.07
C THR B 60 -12.57 -16.90 50.18
N LEU B 61 -13.85 -16.85 49.83
CA LEU B 61 -14.87 -16.46 50.79
C LEU B 61 -14.93 -17.43 51.96
N ALA B 62 -14.90 -18.73 51.65
CA ALA B 62 -14.95 -19.76 52.68
C ALA B 62 -13.80 -19.65 53.67
N CYS B 63 -12.62 -19.28 53.18
CA CYS B 63 -11.45 -19.20 54.05
C CYS B 63 -11.65 -18.17 55.13
N PHE B 64 -12.20 -17.00 54.75
CA PHE B 64 -12.45 -15.96 55.72
C PHE B 64 -13.59 -16.33 56.66
N VAL B 65 -14.59 -17.04 56.14
CA VAL B 65 -15.71 -17.45 56.98
C VAL B 65 -15.26 -18.40 58.07
N LEU B 66 -14.41 -19.36 57.74
CA LEU B 66 -13.94 -20.29 58.75
C LEU B 66 -13.20 -19.56 59.87
N ALA B 67 -12.41 -18.56 59.51
CA ALA B 67 -11.70 -17.77 60.51
C ALA B 67 -12.69 -17.05 61.43
N ALA B 68 -13.81 -16.63 60.88
CA ALA B 68 -14.83 -15.93 61.68
C ALA B 68 -15.55 -16.89 62.64
N VAL B 69 -15.75 -18.13 62.20
CA VAL B 69 -16.47 -19.12 62.99
C VAL B 69 -15.66 -19.66 64.17
N TYR B 70 -14.39 -19.93 63.94
CA TYR B 70 -13.51 -20.50 64.95
C TYR B 70 -12.60 -19.44 65.55
N ARG B 71 -12.99 -18.19 65.36
CA ARG B 71 -12.21 -17.05 65.80
C ARG B 71 -11.66 -17.20 67.20
N ILE B 72 -10.38 -16.86 67.34
CA ILE B 72 -9.69 -16.87 68.63
C ILE B 72 -10.24 -15.78 69.52
N ASN B 73 -10.48 -14.62 68.94
CA ASN B 73 -10.99 -13.47 69.67
C ASN B 73 -11.92 -12.61 68.81
N TRP B 74 -12.49 -11.58 69.41
CA TRP B 74 -13.43 -10.70 68.71
C TRP B 74 -12.73 -9.85 67.65
N VAL B 75 -11.44 -9.61 67.83
CA VAL B 75 -10.69 -8.82 66.87
C VAL B 75 -10.59 -9.58 65.55
N THR B 76 -10.20 -10.85 65.64
CA THR B 76 -10.08 -11.70 64.47
C THR B 76 -11.44 -11.88 63.81
N GLY B 77 -12.47 -12.05 64.63
CA GLY B 77 -13.82 -12.22 64.14
C GLY B 77 -14.24 -11.04 63.29
N GLY B 78 -14.10 -9.84 63.85
CA GLY B 78 -14.49 -8.63 63.13
C GLY B 78 -13.73 -8.49 61.82
N ILE B 79 -12.45 -8.80 61.82
CA ILE B 79 -11.64 -8.71 60.62
C ILE B 79 -12.05 -9.74 59.59
N ALA B 80 -12.20 -10.99 60.01
CA ALA B 80 -12.55 -12.07 59.11
C ALA B 80 -13.89 -11.79 58.45
N ILE B 81 -14.82 -11.25 59.22
CA ILE B 81 -16.14 -10.95 58.69
C ILE B 81 -16.06 -9.82 57.67
N ALA B 82 -15.33 -8.76 58.00
CA ALA B 82 -15.19 -7.65 57.09
C ALA B 82 -14.55 -8.09 55.78
N MET B 83 -13.55 -8.94 55.87
CA MET B 83 -12.87 -9.43 54.67
C MET B 83 -13.81 -10.25 53.80
N ALA B 84 -14.59 -11.11 54.44
CA ALA B 84 -15.56 -11.94 53.72
C ALA B 84 -16.60 -11.08 53.04
N CYS B 85 -16.99 -9.98 53.71
CA CYS B 85 -17.98 -9.08 53.15
C CYS B 85 -17.49 -8.46 51.86
N ILE B 86 -16.19 -8.13 51.80
CA ILE B 86 -15.62 -7.56 50.55
C ILE B 86 -15.60 -8.63 49.44
N VAL B 87 -15.02 -9.81 49.69
CA VAL B 87 -14.90 -10.84 48.62
C VAL B 87 -16.28 -11.15 48.01
N GLY B 88 -17.31 -11.26 48.85
CA GLY B 88 -18.67 -11.55 48.36
C GLY B 88 -19.36 -10.29 47.87
N LEU B 89 -18.84 -9.12 48.22
CA LEU B 89 -19.39 -7.85 47.70
C LEU B 89 -18.97 -7.74 46.24
N MET B 90 -17.73 -8.11 45.94
CA MET B 90 -17.29 -8.09 44.53
C MET B 90 -18.08 -9.13 43.71
N TRP B 91 -18.37 -10.32 44.24
CA TRP B 91 -19.05 -11.34 43.40
C TRP B 91 -20.35 -10.76 42.90
N LEU B 92 -21.13 -10.12 43.77
CA LEU B 92 -22.38 -9.45 43.30
C LEU B 92 -22.05 -8.67 42.02
N SER B 93 -21.04 -7.79 42.06
CA SER B 93 -20.63 -7.01 40.86
C SER B 93 -20.41 -7.94 39.66
N TYR B 94 -19.46 -8.88 39.72
CA TYR B 94 -19.26 -9.86 38.61
C TYR B 94 -20.61 -10.25 38.00
N PHE B 95 -21.65 -10.40 38.82
CA PHE B 95 -22.95 -10.89 38.28
C PHE B 95 -23.61 -9.75 37.56
N VAL B 96 -23.96 -8.70 38.29
CA VAL B 96 -24.71 -7.56 37.66
C VAL B 96 -24.13 -7.28 36.27
N ALA B 97 -22.81 -7.12 36.17
CA ALA B 97 -22.21 -6.75 34.90
C ALA B 97 -22.47 -7.82 33.83
N SER B 98 -22.36 -9.09 34.22
CA SER B 98 -22.58 -10.18 33.26
C SER B 98 -24.03 -10.24 32.82
N PHE B 99 -24.94 -10.03 33.75
CA PHE B 99 -26.36 -10.05 33.42
C PHE B 99 -26.70 -8.96 32.40
N ARG B 100 -26.21 -7.74 32.63
CA ARG B 100 -26.50 -6.64 31.72
C ARG B 100 -25.97 -6.92 30.32
N LEU B 101 -24.77 -7.50 30.23
CA LEU B 101 -24.23 -7.83 28.92
C LEU B 101 -25.12 -8.84 28.23
N PHE B 102 -25.52 -9.88 28.97
CA PHE B 102 -26.40 -10.92 28.43
C PHE B 102 -27.69 -10.33 27.92
N ALA B 103 -28.25 -9.39 28.67
CA ALA B 103 -29.52 -8.77 28.29
C ALA B 103 -29.43 -8.10 26.92
N ARG B 104 -28.27 -7.52 26.58
CA ARG B 104 -28.10 -6.87 25.28
C ARG B 104 -27.84 -7.88 24.16
N THR B 105 -27.07 -8.91 24.47
CA THR B 105 -26.75 -9.96 23.51
C THR B 105 -27.53 -11.23 23.82
N ARG B 106 -27.11 -12.35 23.25
CA ARG B 106 -27.79 -13.63 23.52
C ARG B 106 -26.83 -14.80 23.39
N SER B 107 -25.76 -14.79 24.19
CA SER B 107 -24.75 -15.84 24.07
C SER B 107 -24.12 -16.23 25.40
N MET B 108 -23.57 -17.45 25.43
CA MET B 108 -22.89 -18.02 26.59
C MET B 108 -21.76 -17.14 27.10
N TRP B 109 -20.98 -16.59 26.17
CA TRP B 109 -19.77 -15.86 26.50
C TRP B 109 -20.03 -14.61 27.31
N SER B 110 -21.30 -14.24 27.45
CA SER B 110 -21.65 -13.08 28.25
C SER B 110 -21.34 -13.32 29.73
N PHE B 111 -21.18 -14.58 30.11
CA PHE B 111 -20.85 -14.91 31.49
C PHE B 111 -19.41 -15.38 31.63
N ASN B 112 -18.54 -14.47 32.04
CA ASN B 112 -17.14 -14.79 32.22
C ASN B 112 -16.50 -13.78 33.17
N PRO B 113 -15.55 -14.20 34.02
CA PRO B 113 -14.82 -13.41 35.00
C PRO B 113 -13.77 -12.45 34.44
N GLU B 114 -13.47 -12.53 33.14
CA GLU B 114 -12.39 -11.73 32.57
C GLU B 114 -12.85 -10.37 32.01
N THR B 115 -13.94 -10.34 31.27
CA THR B 115 -14.37 -9.12 30.60
C THR B 115 -15.85 -9.06 30.26
N ASN B 116 -16.36 -7.84 30.15
CA ASN B 116 -17.75 -7.59 29.79
C ASN B 116 -17.92 -7.02 28.38
N ILE B 117 -16.93 -7.24 27.52
CA ILE B 117 -17.01 -6.80 26.12
C ILE B 117 -16.85 -8.00 25.18
N LEU B 118 -17.67 -8.11 24.14
CA LEU B 118 -17.55 -9.25 23.22
C LEU B 118 -17.14 -8.88 21.80
N LEU B 119 -16.31 -9.73 21.20
CA LEU B 119 -15.90 -9.64 19.81
C LEU B 119 -16.65 -10.66 18.93
N ASN B 120 -17.24 -10.21 17.83
CA ASN B 120 -17.98 -11.10 16.93
C ASN B 120 -17.40 -11.08 15.51
N VAL B 121 -16.87 -12.22 15.07
CA VAL B 121 -16.26 -12.34 13.75
C VAL B 121 -16.89 -13.45 12.91
N PRO B 122 -17.58 -13.12 11.81
CA PRO B 122 -18.26 -14.06 10.93
C PRO B 122 -17.28 -14.93 10.17
N LEU B 123 -17.43 -16.24 10.29
CA LEU B 123 -16.54 -17.21 9.66
C LEU B 123 -17.24 -18.52 9.32
N ARG B 124 -16.94 -19.03 8.12
CA ARG B 124 -17.37 -20.37 7.71
C ARG B 124 -18.88 -20.58 7.81
N GLY B 125 -19.67 -19.56 7.45
CA GLY B 125 -21.12 -19.69 7.43
C GLY B 125 -21.80 -19.30 8.74
N THR B 126 -21.02 -19.05 9.79
CA THR B 126 -21.59 -18.69 11.09
C THR B 126 -20.80 -17.56 11.74
N ILE B 127 -21.10 -17.29 13.01
CA ILE B 127 -20.41 -16.22 13.73
C ILE B 127 -19.68 -16.74 14.95
N VAL B 128 -18.40 -16.40 15.06
CA VAL B 128 -17.56 -16.81 16.18
C VAL B 128 -17.44 -15.70 17.22
N THR B 129 -17.77 -16.01 18.47
CA THR B 129 -17.76 -15.02 19.53
C THR B 129 -16.71 -15.32 20.59
N ARG B 130 -15.96 -14.29 20.99
CA ARG B 130 -14.98 -14.39 22.06
C ARG B 130 -15.02 -13.13 22.94
N PRO B 131 -14.70 -13.24 24.23
CA PRO B 131 -14.44 -12.16 25.17
C PRO B 131 -13.32 -11.25 24.69
N LEU B 132 -13.49 -9.95 24.83
CA LEU B 132 -12.50 -8.97 24.41
C LEU B 132 -12.11 -8.03 25.55
N MET B 133 -10.81 -7.81 25.73
CA MET B 133 -10.32 -6.94 26.81
C MET B 133 -9.78 -5.61 26.31
N GLU B 134 -10.11 -5.27 25.06
CA GLU B 134 -9.60 -4.07 24.40
C GLU B 134 -10.69 -3.05 24.11
N SER B 135 -11.14 -3.04 22.85
CA SER B 135 -12.12 -2.07 22.34
C SER B 135 -11.45 -0.72 22.08
N GLU B 136 -10.51 -0.74 21.15
CA GLU B 136 -9.73 0.43 20.76
C GLU B 136 -10.11 0.89 19.36
N LEU B 137 -9.46 1.95 18.89
CA LEU B 137 -9.69 2.45 17.54
C LEU B 137 -9.26 1.46 16.48
N VAL B 138 -8.13 0.78 16.73
CA VAL B 138 -7.60 -0.14 15.74
C VAL B 138 -7.37 -1.54 16.30
N ILE B 139 -7.89 -2.53 15.59
CA ILE B 139 -7.72 -3.94 15.95
C ILE B 139 -6.85 -4.65 14.92
N GLY B 140 -5.76 -5.25 15.36
CA GLY B 140 -4.89 -5.95 14.44
C GLY B 140 -5.33 -7.39 14.27
N ALA B 141 -4.91 -8.02 13.18
CA ALA B 141 -5.18 -9.43 12.94
C ALA B 141 -3.99 -10.09 12.27
N VAL B 142 -3.69 -11.33 12.65
CA VAL B 142 -2.58 -12.03 12.04
C VAL B 142 -2.99 -13.41 11.55
N ILE B 143 -2.57 -13.76 10.34
CA ILE B 143 -2.89 -15.07 9.79
C ILE B 143 -1.62 -15.91 9.66
N ILE B 144 -1.58 -17.03 10.38
CA ILE B 144 -0.41 -17.89 10.36
C ILE B 144 -0.74 -19.27 9.82
N ARG B 145 -0.11 -19.62 8.72
CA ARG B 145 -0.31 -20.93 8.10
C ARG B 145 -1.79 -21.25 7.91
N GLY B 146 -2.55 -20.26 7.47
CA GLY B 146 -3.98 -20.42 7.20
C GLY B 146 -4.90 -20.24 8.41
N HIS B 147 -4.36 -20.03 9.60
CA HIS B 147 -5.19 -19.86 10.80
C HIS B 147 -5.29 -18.40 11.20
N LEU B 148 -6.47 -17.98 11.64
CA LEU B 148 -6.69 -16.59 12.03
C LEU B 148 -6.65 -16.39 13.53
N ARG B 149 -5.84 -15.42 13.97
CA ARG B 149 -5.71 -15.07 15.38
C ARG B 149 -5.97 -13.59 15.62
N MET B 150 -6.89 -13.29 16.54
CA MET B 150 -7.24 -11.91 16.86
C MET B 150 -7.44 -11.71 18.35
N ALA B 151 -6.96 -10.59 18.88
CA ALA B 151 -7.18 -10.22 20.28
C ALA B 151 -6.71 -11.31 21.23
N GLY B 152 -5.73 -12.11 20.82
CA GLY B 152 -5.17 -13.14 21.68
C GLY B 152 -5.94 -14.47 21.60
N HIS B 153 -6.92 -14.56 20.71
CA HIS B 153 -7.73 -15.77 20.60
C HIS B 153 -7.58 -16.42 19.23
N SER B 154 -7.62 -17.75 19.19
CA SER B 154 -7.65 -18.46 17.93
C SER B 154 -9.08 -18.60 17.43
N LEU B 155 -9.35 -18.14 16.21
CA LEU B 155 -10.70 -18.13 15.68
C LEU B 155 -10.91 -19.23 14.65
N GLY B 156 -9.94 -20.13 14.54
CA GLY B 156 -10.04 -21.25 13.61
C GLY B 156 -9.46 -20.94 12.24
N ARG B 157 -9.83 -21.78 11.28
CA ARG B 157 -9.27 -21.75 9.94
C ARG B 157 -9.86 -20.63 9.08
N CYS B 158 -8.99 -19.86 8.42
CA CYS B 158 -9.42 -18.78 7.55
C CYS B 158 -8.30 -18.32 6.62
N ASP B 159 -8.50 -18.44 5.32
CA ASP B 159 -7.51 -17.98 4.36
C ASP B 159 -7.60 -16.47 4.22
N ILE B 160 -6.53 -15.83 3.78
CA ILE B 160 -6.52 -14.37 3.70
C ILE B 160 -7.49 -13.82 2.67
N LYS B 161 -7.68 -14.55 1.58
CA LYS B 161 -8.55 -14.09 0.51
C LYS B 161 -10.02 -14.02 0.94
N ASP B 162 -10.36 -14.72 2.01
CA ASP B 162 -11.73 -14.78 2.49
C ASP B 162 -11.92 -14.07 3.82
N LEU B 163 -10.94 -13.27 4.22
CA LEU B 163 -11.00 -12.57 5.47
C LEU B 163 -12.19 -11.59 5.47
N PRO B 164 -13.08 -11.61 6.48
CA PRO B 164 -14.25 -10.77 6.64
C PRO B 164 -14.00 -9.29 6.49
N LYS B 165 -14.89 -8.58 5.83
CA LYS B 165 -14.76 -7.16 5.63
C LYS B 165 -15.44 -6.37 6.74
N GLU B 166 -16.16 -7.07 7.61
CA GLU B 166 -16.82 -6.40 8.72
C GLU B 166 -16.86 -7.28 9.97
N ILE B 167 -16.50 -6.70 11.10
CA ILE B 167 -16.60 -7.36 12.40
C ILE B 167 -17.27 -6.40 13.37
N THR B 168 -17.80 -6.91 14.49
CA THR B 168 -18.42 -6.00 15.46
C THR B 168 -17.95 -6.23 16.90
N VAL B 169 -18.09 -5.19 17.72
CA VAL B 169 -17.80 -5.28 19.15
C VAL B 169 -18.95 -4.74 19.99
N ALA B 170 -19.42 -5.55 20.94
CA ALA B 170 -20.54 -5.15 21.79
C ALA B 170 -20.08 -4.89 23.23
N THR B 171 -20.30 -3.66 23.71
CA THR B 171 -19.83 -3.26 25.03
C THR B 171 -20.94 -3.20 26.07
N SER B 172 -22.15 -3.53 25.64
CA SER B 172 -23.37 -3.51 26.46
C SER B 172 -24.00 -2.10 26.54
N ARG B 173 -23.22 -1.08 26.18
CA ARG B 173 -23.73 0.27 26.14
C ARG B 173 -23.76 0.79 24.71
N THR B 174 -22.72 0.44 23.96
CA THR B 174 -22.60 0.84 22.57
C THR B 174 -22.25 -0.35 21.69
N LEU B 175 -22.46 -0.20 20.39
CA LEU B 175 -22.10 -1.21 19.42
C LEU B 175 -21.20 -0.62 18.35
N SER B 176 -19.99 -1.15 18.23
CA SER B 176 -19.05 -0.58 17.28
C SER B 176 -18.83 -1.47 16.08
N TYR B 177 -18.77 -0.86 14.91
CA TYR B 177 -18.55 -1.60 13.67
C TYR B 177 -17.18 -1.29 13.10
N TYR B 178 -16.42 -2.33 12.82
CA TYR B 178 -15.09 -2.17 12.29
C TYR B 178 -15.02 -2.60 10.84
N LYS B 179 -14.25 -1.85 10.05
CA LYS B 179 -14.09 -2.12 8.63
C LYS B 179 -12.68 -2.55 8.27
N LEU B 180 -12.56 -3.55 7.42
CA LEU B 180 -11.24 -4.01 7.01
C LEU B 180 -10.53 -2.94 6.21
N GLY B 181 -9.29 -2.66 6.60
CA GLY B 181 -8.46 -1.69 5.89
C GLY B 181 -7.46 -2.41 5.01
N ALA B 182 -6.24 -1.92 4.98
CA ALA B 182 -5.21 -2.53 4.16
C ALA B 182 -4.84 -3.90 4.71
N SER B 183 -4.47 -4.81 3.81
CA SER B 183 -4.01 -6.13 4.19
C SER B 183 -2.88 -6.56 3.26
N GLN B 184 -2.06 -7.49 3.73
CA GLN B 184 -0.92 -7.94 2.95
C GLN B 184 -0.66 -9.43 3.11
N ARG B 185 -0.09 -10.04 2.09
CA ARG B 185 0.36 -11.41 2.19
C ARG B 185 1.83 -11.42 2.60
N VAL B 186 2.19 -12.32 3.50
CA VAL B 186 3.59 -12.40 3.94
C VAL B 186 4.09 -13.83 3.86
N GLY B 187 4.33 -14.31 2.65
CA GLY B 187 4.79 -15.67 2.44
C GLY B 187 3.62 -16.61 2.21
N THR B 188 3.86 -17.68 1.46
CA THR B 188 2.85 -18.71 1.14
C THR B 188 1.43 -18.39 1.62
N ASP B 189 1.05 -18.97 2.75
CA ASP B 189 -0.30 -18.88 3.28
C ASP B 189 -0.40 -18.09 4.59
N SER B 190 0.52 -17.16 4.78
CA SER B 190 0.52 -16.31 5.96
C SER B 190 0.31 -14.86 5.54
N GLY B 191 -0.11 -14.01 6.46
CA GLY B 191 -0.34 -12.63 6.11
C GLY B 191 -0.72 -11.77 7.28
N PHE B 192 -1.15 -10.55 6.99
CA PHE B 192 -1.46 -9.59 8.02
C PHE B 192 -2.60 -8.66 7.60
N ALA B 193 -3.43 -8.25 8.57
CA ALA B 193 -4.52 -7.32 8.28
C ALA B 193 -4.86 -6.47 9.49
N ALA B 194 -5.57 -5.36 9.28
CA ALA B 194 -6.02 -4.54 10.39
C ALA B 194 -7.40 -3.95 10.14
N TYR B 195 -8.16 -3.75 11.22
CA TYR B 195 -9.50 -3.19 11.16
C TYR B 195 -9.62 -1.86 11.87
N ASN B 196 -10.30 -0.91 11.25
CA ASN B 196 -10.51 0.41 11.81
C ASN B 196 -11.98 0.66 12.12
N ARG B 197 -12.28 1.34 13.22
CA ARG B 197 -13.68 1.69 13.48
C ARG B 197 -14.22 2.51 12.31
N TYR B 198 -15.42 2.19 11.82
CA TYR B 198 -15.98 3.07 10.81
C TYR B 198 -17.27 3.69 11.33
N ARG B 199 -17.96 2.99 12.22
CA ARG B 199 -19.24 3.46 12.73
C ARG B 199 -19.45 3.13 14.20
N ILE B 200 -20.15 4.01 14.90
CA ILE B 200 -20.55 3.77 16.28
C ILE B 200 -22.06 3.88 16.42
N GLY B 201 -22.69 2.84 16.97
CA GLY B 201 -24.12 2.91 17.26
C GLY B 201 -24.33 2.79 18.76
N ASN B 202 -25.48 3.24 19.26
CA ASN B 202 -25.77 3.09 20.68
C ASN B 202 -26.87 2.05 20.92
N TYR B 203 -26.87 1.41 22.09
CA TYR B 203 -27.95 0.51 22.50
C TYR B 203 -29.05 1.31 23.18
N ASP C 3 29.32 -22.84 3.77
CA ASP C 3 29.17 -24.29 3.68
C ASP C 3 28.11 -24.72 2.65
N ILE C 4 27.23 -23.80 2.25
CA ILE C 4 26.12 -24.10 1.34
C ILE C 4 26.26 -23.43 0.00
N VAL C 5 26.25 -24.24 -1.04
CA VAL C 5 26.35 -23.78 -2.41
C VAL C 5 25.02 -23.30 -2.96
N MET C 6 25.04 -22.14 -3.59
CA MET C 6 23.86 -21.59 -4.23
C MET C 6 24.25 -21.04 -5.60
N THR C 7 23.52 -21.43 -6.64
CA THR C 7 23.92 -21.04 -8.00
C THR C 7 22.77 -20.51 -8.86
N GLN C 8 23.14 -19.78 -9.91
CA GLN C 8 22.21 -19.30 -10.93
C GLN C 8 22.65 -19.81 -12.30
N SER C 9 21.72 -20.37 -13.06
CA SER C 9 22.06 -20.94 -14.36
C SER C 9 22.29 -19.91 -15.49
N PRO C 10 21.41 -18.92 -15.69
CA PRO C 10 21.41 -18.03 -16.82
C PRO C 10 22.44 -16.93 -16.65
N ALA C 11 23.70 -17.27 -16.84
CA ALA C 11 24.80 -16.35 -16.56
C ALA C 11 24.61 -15.04 -17.30
N SER C 12 24.04 -15.08 -18.50
CA SER C 12 23.80 -13.87 -19.24
C SER C 12 22.47 -13.92 -19.96
N LEU C 13 21.78 -12.79 -20.00
CA LEU C 13 20.49 -12.67 -20.68
C LEU C 13 20.51 -11.57 -21.72
N ALA C 14 19.64 -11.68 -22.72
CA ALA C 14 19.46 -10.63 -23.71
C ALA C 14 17.98 -10.54 -24.04
N VAL C 15 17.34 -9.47 -23.58
CA VAL C 15 15.91 -9.36 -23.69
C VAL C 15 15.47 -8.05 -24.34
N SER C 16 14.51 -8.14 -25.26
CA SER C 16 13.98 -6.96 -25.92
C SER C 16 12.95 -6.26 -25.05
N LEU C 17 12.64 -5.02 -25.37
CA LEU C 17 11.76 -4.24 -24.54
C LEU C 17 10.34 -4.80 -24.59
N GLY C 18 9.72 -4.89 -23.41
CA GLY C 18 8.34 -5.33 -23.29
C GLY C 18 8.22 -6.85 -23.13
N GLN C 19 9.34 -7.56 -23.26
CA GLN C 19 9.34 -9.01 -23.13
C GLN C 19 9.70 -9.43 -21.72
N ARG C 20 9.35 -10.66 -21.37
CA ARG C 20 9.64 -11.21 -20.05
C ARG C 20 11.05 -11.77 -19.93
N ALA C 21 11.71 -11.48 -18.81
CA ALA C 21 13.00 -12.04 -18.48
C ALA C 21 12.88 -12.94 -17.26
N THR C 22 13.53 -14.09 -17.29
CA THR C 22 13.51 -14.97 -16.13
C THR C 22 14.90 -15.38 -15.69
N ILE C 23 15.15 -15.28 -14.40
CA ILE C 23 16.42 -15.68 -13.79
C ILE C 23 16.17 -16.71 -12.69
N SER C 24 16.81 -17.86 -12.78
CA SER C 24 16.58 -18.92 -11.79
C SER C 24 17.75 -19.10 -10.84
N CYS C 25 17.45 -19.66 -9.66
CA CYS C 25 18.47 -19.97 -8.67
C CYS C 25 18.12 -21.24 -7.89
N LYS C 26 19.12 -22.08 -7.66
CA LYS C 26 18.90 -23.34 -6.94
C LYS C 26 19.69 -23.40 -5.64
N ALA C 27 18.98 -23.70 -4.55
CA ALA C 27 19.57 -23.80 -3.22
C ALA C 27 19.95 -25.23 -2.89
N SER C 28 21.24 -25.49 -2.73
CA SER C 28 21.75 -26.85 -2.54
C SER C 28 21.12 -27.64 -1.41
N GLN C 29 20.87 -27.00 -0.27
CA GLN C 29 20.41 -27.74 0.91
C GLN C 29 18.96 -27.49 1.29
N SER C 30 18.13 -27.04 0.36
CA SER C 30 16.69 -26.91 0.61
C SER C 30 16.36 -26.24 1.93
N ILE C 31 16.61 -24.94 2.03
CA ILE C 31 16.34 -24.25 3.27
C ILE C 31 14.85 -24.13 3.54
N ASP C 32 14.44 -24.61 4.71
CA ASP C 32 13.04 -24.59 5.13
C ASP C 32 12.91 -24.46 6.65
N TYR C 33 12.44 -23.31 7.11
CA TYR C 33 12.25 -23.10 8.53
C TYR C 33 10.76 -23.00 8.83
N ASP C 34 10.20 -24.07 9.38
CA ASP C 34 8.78 -24.13 9.69
C ASP C 34 7.90 -23.79 8.48
N GLY C 35 8.27 -24.27 7.31
CA GLY C 35 7.47 -24.08 6.10
C GLY C 35 7.90 -22.88 5.28
N ASP C 36 8.73 -22.02 5.85
CA ASP C 36 9.17 -20.83 5.14
C ASP C 36 10.59 -20.95 4.61
N ASN C 37 10.72 -20.72 3.32
CA ASN C 37 12.04 -20.73 2.70
C ASN C 37 12.56 -19.30 2.76
N TYR C 38 13.87 -19.13 2.72
CA TYR C 38 14.41 -17.78 2.68
C TYR C 38 15.24 -17.58 1.43
N MET C 39 15.16 -16.38 0.88
CA MET C 39 15.88 -16.02 -0.34
C MET C 39 15.81 -14.51 -0.56
N ASN C 40 16.96 -13.88 -0.80
CA ASN C 40 17.03 -12.45 -1.06
C ASN C 40 17.63 -12.14 -2.43
N TRP C 41 16.95 -11.30 -3.20
CA TRP C 41 17.43 -10.91 -4.52
C TRP C 41 17.94 -9.47 -4.53
N TYR C 42 19.13 -9.27 -5.13
CA TYR C 42 19.76 -7.94 -5.19
C TYR C 42 20.02 -7.49 -6.63
N GLN C 43 20.08 -6.18 -6.83
CA GLN C 43 20.46 -5.57 -8.10
C GLN C 43 21.61 -4.56 -7.94
N GLN C 44 22.65 -4.67 -8.77
CA GLN C 44 23.77 -3.74 -8.69
C GLN C 44 24.15 -3.11 -10.02
N LYS C 45 24.33 -1.79 -10.02
CA LYS C 45 24.79 -1.05 -11.18
C LYS C 45 26.26 -0.65 -10.98
N PRO C 46 27.02 -0.42 -12.05
CA PRO C 46 28.41 -0.03 -12.01
C PRO C 46 28.63 1.22 -11.18
N GLY C 47 29.64 1.18 -10.31
CA GLY C 47 30.00 2.33 -9.49
C GLY C 47 29.15 2.49 -8.24
N GLN C 48 28.23 1.57 -8.00
CA GLN C 48 27.33 1.68 -6.86
C GLN C 48 27.25 0.37 -6.07
N PRO C 49 26.91 0.43 -4.77
CA PRO C 49 26.60 -0.70 -3.92
C PRO C 49 25.29 -1.33 -4.37
N PRO C 50 25.06 -2.61 -4.05
CA PRO C 50 23.88 -3.37 -4.38
C PRO C 50 22.63 -2.84 -3.68
N LYS C 51 21.49 -2.99 -4.33
CA LYS C 51 20.19 -2.61 -3.79
C LYS C 51 19.31 -3.85 -3.61
N LEU C 52 18.59 -3.92 -2.49
CA LEU C 52 17.73 -5.07 -2.23
C LEU C 52 16.41 -4.96 -2.99
N LEU C 53 16.01 -6.04 -3.68
CA LEU C 53 14.73 -6.04 -4.38
C LEU C 53 13.66 -6.85 -3.67
N ILE C 54 13.97 -8.10 -3.35
CA ILE C 54 13.00 -9.04 -2.79
C ILE C 54 13.56 -9.76 -1.58
N TYR C 55 12.75 -9.91 -0.52
CA TYR C 55 13.19 -10.66 0.66
C TYR C 55 12.24 -11.81 0.99
N THR C 56 12.76 -12.80 1.70
CA THR C 56 12.00 -13.98 2.10
C THR C 56 11.19 -14.58 0.94
N THR C 57 11.85 -14.72 -0.22
CA THR C 57 11.34 -15.36 -1.44
C THR C 57 10.25 -14.63 -2.21
N SER C 58 9.54 -13.71 -1.59
CA SER C 58 8.41 -13.12 -2.33
C SER C 58 7.96 -11.77 -1.82
N ASN C 59 8.56 -11.25 -0.76
CA ASN C 59 8.13 -9.97 -0.24
C ASN C 59 8.87 -8.85 -0.94
N LEU C 60 8.15 -8.05 -1.71
CA LEU C 60 8.79 -7.01 -2.49
C LEU C 60 9.18 -5.85 -1.60
N GLU C 61 10.44 -5.43 -1.70
CA GLU C 61 10.96 -4.33 -0.89
C GLU C 61 10.29 -3.01 -1.25
N SER C 62 9.87 -2.25 -0.24
CA SER C 62 9.20 -1.00 -0.49
C SER C 62 10.05 -0.07 -1.35
N GLY C 63 9.41 0.53 -2.35
CA GLY C 63 10.10 1.44 -3.26
C GLY C 63 10.47 0.76 -4.58
N ILE C 64 10.38 -0.56 -4.61
CA ILE C 64 10.69 -1.33 -5.80
C ILE C 64 9.46 -1.48 -6.68
N PRO C 65 9.56 -1.18 -7.99
CA PRO C 65 8.51 -1.30 -8.99
C PRO C 65 7.90 -2.70 -8.97
N ALA C 66 6.58 -2.74 -9.20
CA ALA C 66 5.81 -3.98 -9.15
C ALA C 66 6.16 -4.93 -10.28
N ARG C 67 6.89 -4.45 -11.27
CA ARG C 67 7.26 -5.31 -12.39
C ARG C 67 8.23 -6.39 -11.96
N PHE C 68 8.81 -6.23 -10.77
CA PHE C 68 9.71 -7.22 -10.19
C PHE C 68 8.95 -8.11 -9.23
N SER C 69 9.00 -9.41 -9.47
CA SER C 69 8.37 -10.35 -8.56
C SER C 69 9.12 -11.66 -8.57
N GLY C 70 8.82 -12.54 -7.63
CA GLY C 70 9.49 -13.82 -7.60
C GLY C 70 8.81 -14.78 -6.65
N SER C 71 9.20 -16.04 -6.77
CA SER C 71 8.63 -17.11 -5.96
C SER C 71 9.49 -18.35 -6.04
N GLY C 72 9.17 -19.34 -5.23
CA GLY C 72 9.87 -20.61 -5.28
C GLY C 72 9.43 -21.53 -4.17
N SER C 73 10.00 -22.72 -4.15
CA SER C 73 9.69 -23.72 -3.14
C SER C 73 10.82 -24.69 -2.90
N GLY C 74 11.22 -24.82 -1.64
CA GLY C 74 12.24 -25.78 -1.26
C GLY C 74 13.60 -25.40 -1.80
N THR C 75 13.89 -25.81 -3.03
CA THR C 75 15.19 -25.56 -3.63
C THR C 75 15.14 -24.64 -4.85
N ASP C 76 13.97 -24.53 -5.47
CA ASP C 76 13.89 -23.86 -6.76
C ASP C 76 13.24 -22.49 -6.66
N PHE C 77 14.01 -21.44 -6.96
CA PHE C 77 13.52 -20.07 -6.86
C PHE C 77 13.70 -19.32 -8.18
N THR C 78 12.75 -18.46 -8.52
CA THR C 78 12.82 -17.70 -9.77
C THR C 78 12.50 -16.21 -9.61
N LEU C 79 13.30 -15.38 -10.28
CA LEU C 79 13.06 -13.95 -10.39
C LEU C 79 12.44 -13.62 -11.74
N ASN C 80 11.30 -12.94 -11.71
CA ASN C 80 10.56 -12.64 -12.93
C ASN C 80 10.41 -11.15 -13.17
N ILE C 81 10.90 -10.68 -14.32
CA ILE C 81 10.73 -9.28 -14.72
C ILE C 81 9.86 -9.27 -15.97
N HIS C 82 8.61 -8.82 -15.86
CA HIS C 82 7.73 -9.02 -17.01
C HIS C 82 7.86 -7.95 -18.12
N PRO C 83 7.50 -6.69 -17.91
CA PRO C 83 7.70 -5.60 -18.86
C PRO C 83 9.12 -5.07 -18.82
N VAL C 84 10.07 -5.84 -19.32
CA VAL C 84 11.46 -5.41 -19.24
C VAL C 84 11.67 -4.08 -19.94
N GLU C 85 12.31 -3.14 -19.25
CA GLU C 85 12.56 -1.82 -19.80
C GLU C 85 14.04 -1.61 -20.10
N GLU C 86 14.36 -0.49 -20.76
CA GLU C 86 15.73 -0.20 -21.15
C GLU C 86 16.62 0.14 -19.96
N GLY C 87 16.01 0.46 -18.83
CA GLY C 87 16.78 0.83 -17.64
C GLY C 87 17.17 -0.41 -16.83
N ASP C 88 16.67 -1.57 -17.22
CA ASP C 88 16.94 -2.80 -16.49
C ASP C 88 18.21 -3.46 -16.99
N ALA C 89 19.32 -2.76 -16.82
CA ALA C 89 20.62 -3.26 -17.27
C ALA C 89 21.59 -3.30 -16.09
N ALA C 90 21.55 -4.41 -15.36
CA ALA C 90 22.24 -4.53 -14.10
C ALA C 90 22.58 -5.99 -13.81
N THR C 91 23.40 -6.20 -12.78
CA THR C 91 23.76 -7.54 -12.35
C THR C 91 22.90 -7.96 -11.17
N TYR C 92 22.37 -9.18 -11.20
CA TYR C 92 21.51 -9.66 -10.12
C TYR C 92 22.16 -10.76 -9.29
N TYR C 93 21.91 -10.75 -7.98
CA TYR C 93 22.52 -11.69 -7.02
C TYR C 93 21.50 -12.32 -6.07
N CYS C 94 21.89 -13.45 -5.45
CA CYS C 94 21.07 -14.13 -4.44
C CYS C 94 21.79 -14.32 -3.10
N GLN C 95 21.03 -14.28 -1.99
CA GLN C 95 21.54 -14.57 -0.64
C GLN C 95 20.54 -15.35 0.22
N GLN C 96 21.03 -16.20 1.12
CA GLN C 96 20.16 -17.04 1.98
C GLN C 96 19.43 -16.34 3.12
N ASN C 97 20.18 -15.64 3.97
CA ASN C 97 19.66 -15.11 5.22
C ASN C 97 18.97 -16.17 6.07
N ASN C 98 19.60 -17.34 6.19
CA ASN C 98 19.08 -18.41 7.04
C ASN C 98 20.17 -19.10 7.86
N GLU C 99 21.26 -19.51 7.21
CA GLU C 99 22.31 -20.26 7.87
C GLU C 99 23.51 -19.39 8.21
N ASP C 100 24.27 -19.82 9.21
CA ASP C 100 25.40 -19.07 9.77
C ASP C 100 26.25 -18.22 8.81
N PRO C 101 26.80 -18.76 7.71
CA PRO C 101 27.63 -18.02 6.76
C PRO C 101 26.86 -17.02 5.88
N TYR C 102 25.53 -17.13 5.86
CA TYR C 102 24.68 -16.27 5.04
C TYR C 102 25.29 -16.03 3.66
N THR C 103 25.53 -17.10 2.92
CA THR C 103 26.29 -16.99 1.68
C THR C 103 25.54 -16.35 0.55
N PHE C 104 26.30 -15.89 -0.44
CA PHE C 104 25.79 -15.34 -1.68
C PHE C 104 26.00 -16.33 -2.81
N GLY C 105 25.13 -16.29 -3.80
CA GLY C 105 25.37 -17.06 -5.01
C GLY C 105 26.12 -16.18 -5.99
N GLY C 106 26.36 -16.69 -7.20
CA GLY C 106 27.02 -15.88 -8.21
C GLY C 106 25.96 -14.97 -8.81
N GLY C 107 26.36 -14.07 -9.69
CA GLY C 107 25.38 -13.16 -10.27
C GLY C 107 25.11 -13.45 -11.74
N THR C 108 24.08 -12.79 -12.27
CA THR C 108 23.73 -12.88 -13.68
C THR C 108 23.63 -11.49 -14.28
N LYS C 109 23.95 -11.35 -15.55
CA LYS C 109 23.93 -10.04 -16.18
C LYS C 109 22.86 -9.91 -17.26
N LEU C 110 22.00 -8.91 -17.12
CA LEU C 110 20.93 -8.69 -18.08
C LEU C 110 21.24 -7.57 -19.06
N GLU C 111 21.29 -7.91 -20.35
CA GLU C 111 21.49 -6.93 -21.41
C GLU C 111 20.19 -6.66 -22.15
N ILE C 112 20.11 -5.49 -22.79
CA ILE C 112 18.93 -5.13 -23.54
C ILE C 112 19.15 -5.21 -25.05
N LYS C 113 18.20 -5.83 -25.74
CA LYS C 113 18.23 -5.92 -27.21
C LYS C 113 17.76 -4.62 -27.86
N ARG C 114 18.32 -4.31 -29.01
CA ARG C 114 18.01 -3.08 -29.74
C ARG C 114 18.35 -3.25 -31.22
N ALA C 115 17.84 -2.34 -32.04
CA ALA C 115 18.12 -2.32 -33.47
C ALA C 115 19.60 -2.05 -33.74
N ASP C 116 20.09 -2.61 -34.84
CA ASP C 116 21.48 -2.43 -35.25
C ASP C 116 21.83 -0.97 -35.51
N ALA C 117 23.07 -0.60 -35.18
CA ALA C 117 23.57 0.75 -35.44
C ALA C 117 25.07 0.75 -35.66
N ALA C 118 25.53 1.55 -36.62
CA ALA C 118 26.94 1.70 -36.94
C ALA C 118 27.58 2.79 -36.07
N PRO C 119 28.88 2.67 -35.76
CA PRO C 119 29.67 3.61 -34.99
C PRO C 119 30.02 4.88 -35.74
N THR C 120 30.17 5.96 -34.98
CA THR C 120 30.76 7.20 -35.47
C THR C 120 32.25 7.14 -35.19
N VAL C 121 33.07 7.41 -36.19
CA VAL C 121 34.51 7.24 -36.02
C VAL C 121 35.29 8.55 -36.11
N SER C 122 36.16 8.78 -35.14
CA SER C 122 37.05 9.94 -35.15
C SER C 122 38.41 9.58 -34.56
N ILE C 123 39.45 10.25 -35.05
CA ILE C 123 40.81 10.00 -34.55
C ILE C 123 41.56 11.28 -34.22
N PHE C 124 42.61 11.14 -33.41
CA PHE C 124 43.49 12.26 -33.09
C PHE C 124 44.96 11.93 -33.32
N PRO C 125 45.76 12.93 -33.75
CA PRO C 125 47.21 12.91 -33.86
C PRO C 125 47.83 13.10 -32.48
N PRO C 126 49.13 12.86 -32.33
CA PRO C 126 49.93 13.14 -31.15
C PRO C 126 49.86 14.61 -30.78
N SER C 127 49.82 14.90 -29.49
CA SER C 127 49.81 16.28 -29.02
C SER C 127 51.21 16.86 -29.03
N SER C 128 51.31 18.19 -28.96
CA SER C 128 52.59 18.86 -28.92
C SER C 128 53.33 18.52 -27.64
N GLU C 129 52.59 18.36 -26.55
CA GLU C 129 53.19 18.06 -25.26
C GLU C 129 53.85 16.69 -25.25
N GLN C 130 53.23 15.71 -25.91
CA GLN C 130 53.82 14.38 -25.97
C GLN C 130 55.06 14.38 -26.85
N LEU C 131 54.97 15.10 -27.98
CA LEU C 131 56.09 15.16 -28.91
C LEU C 131 57.25 15.95 -28.31
N THR C 132 56.92 16.97 -27.54
CA THR C 132 57.93 17.76 -26.83
C THR C 132 58.64 16.88 -25.80
N SER C 133 57.85 16.07 -25.11
CA SER C 133 58.37 15.15 -24.10
C SER C 133 59.23 14.05 -24.73
N GLY C 134 58.89 13.66 -25.97
CA GLY C 134 59.67 12.65 -26.69
C GLY C 134 58.85 11.41 -27.06
N GLY C 135 57.56 11.42 -26.78
CA GLY C 135 56.70 10.29 -27.11
C GLY C 135 55.68 10.67 -28.15
N ALA C 136 54.72 9.79 -28.39
CA ALA C 136 53.65 10.04 -29.34
C ALA C 136 52.49 9.10 -29.07
N SER C 137 51.30 9.47 -29.51
CA SER C 137 50.16 8.57 -29.43
C SER C 137 49.14 8.88 -30.50
N VAL C 138 48.42 7.85 -30.91
CA VAL C 138 47.29 8.01 -31.81
C VAL C 138 46.08 7.35 -31.20
N VAL C 139 44.99 8.09 -31.07
CA VAL C 139 43.81 7.53 -30.43
C VAL C 139 42.59 7.59 -31.33
N CYS C 140 41.87 6.46 -31.39
CA CYS C 140 40.68 6.32 -32.20
C CYS C 140 39.45 6.02 -31.35
N PHE C 141 38.39 6.80 -31.56
CA PHE C 141 37.16 6.61 -30.82
C PHE C 141 36.02 6.10 -31.70
N LEU C 142 35.28 5.12 -31.18
CA LEU C 142 34.08 4.62 -31.83
C LEU C 142 32.88 4.89 -30.94
N ASN C 143 31.95 5.73 -31.40
CA ASN C 143 30.86 6.14 -30.53
C ASN C 143 29.48 5.69 -31.00
N ASN C 144 28.60 5.46 -30.02
CA ASN C 144 27.16 5.24 -30.22
C ASN C 144 26.79 4.09 -31.16
N PHE C 145 27.42 2.94 -30.99
CA PHE C 145 27.06 1.78 -31.80
C PHE C 145 26.36 0.75 -30.93
N TYR C 146 25.58 -0.15 -31.54
CA TYR C 146 24.89 -1.13 -30.69
C TYR C 146 25.60 -2.49 -30.54
N PRO C 147 25.92 -3.21 -31.63
CA PRO C 147 26.53 -4.52 -31.56
C PRO C 147 27.89 -4.40 -30.90
N LYS C 148 28.28 -5.39 -30.14
CA LYS C 148 29.57 -5.30 -29.46
C LYS C 148 30.72 -5.83 -30.31
N ASP C 149 30.38 -6.54 -31.38
CA ASP C 149 31.41 -7.22 -32.16
C ASP C 149 32.02 -6.33 -33.23
N ILE C 150 33.04 -5.55 -32.85
CA ILE C 150 33.76 -4.68 -33.79
C ILE C 150 35.23 -5.05 -33.87
N ASN C 151 35.72 -5.24 -35.09
CA ASN C 151 37.13 -5.59 -35.29
C ASN C 151 37.93 -4.35 -35.67
N VAL C 152 38.69 -3.84 -34.70
CA VAL C 152 39.46 -2.63 -34.91
C VAL C 152 40.90 -2.95 -35.32
N LYS C 153 41.33 -2.33 -36.41
CA LYS C 153 42.64 -2.60 -36.97
C LYS C 153 43.51 -1.34 -37.03
N TRP C 154 44.82 -1.55 -37.02
CA TRP C 154 45.80 -0.47 -37.11
C TRP C 154 46.80 -0.74 -38.22
N LYS C 155 46.42 -0.40 -39.45
CA LYS C 155 47.23 -0.73 -40.61
C LYS C 155 47.99 0.48 -41.14
N ILE C 156 49.32 0.41 -41.09
CA ILE C 156 50.18 1.50 -41.53
C ILE C 156 50.96 1.07 -42.77
N ASP C 157 50.69 1.72 -43.90
CA ASP C 157 51.33 1.36 -45.17
C ASP C 157 51.20 -0.13 -45.46
N GLY C 158 50.02 -0.69 -45.16
CA GLY C 158 49.73 -2.08 -45.44
C GLY C 158 50.14 -3.05 -44.31
N SER C 159 50.86 -2.54 -43.31
CA SER C 159 51.33 -3.39 -42.21
C SER C 159 50.48 -3.27 -40.95
N GLU C 160 49.96 -4.39 -40.48
CA GLU C 160 49.13 -4.39 -39.28
C GLU C 160 49.99 -4.32 -38.02
N ARG C 161 49.76 -3.28 -37.22
CA ARG C 161 50.53 -3.08 -36.00
C ARG C 161 49.79 -3.65 -34.80
N GLN C 162 50.32 -4.74 -34.25
CA GLN C 162 49.69 -5.39 -33.12
C GLN C 162 50.27 -4.90 -31.79
N ASN C 163 51.52 -4.45 -31.83
CA ASN C 163 52.19 -4.03 -30.61
C ASN C 163 51.89 -2.58 -30.24
N GLY C 164 51.59 -2.37 -28.96
CA GLY C 164 51.35 -1.01 -28.46
C GLY C 164 49.91 -0.54 -28.61
N VAL C 165 48.98 -1.48 -28.79
CA VAL C 165 47.58 -1.08 -28.96
C VAL C 165 46.72 -1.56 -27.80
N LEU C 166 46.04 -0.61 -27.15
CA LEU C 166 45.16 -0.92 -26.03
C LEU C 166 43.71 -0.64 -26.40
N ASN C 167 42.79 -1.43 -25.84
CA ASN C 167 41.38 -1.28 -26.16
C ASN C 167 40.48 -1.31 -24.93
N SER C 168 39.78 -0.21 -24.67
CA SER C 168 38.88 -0.12 -23.53
C SER C 168 37.43 0.02 -23.96
N TRP C 169 36.55 -0.72 -23.29
CA TRP C 169 35.13 -0.74 -23.61
C TRP C 169 34.28 -0.15 -22.49
N THR C 170 33.20 0.53 -22.85
CA THR C 170 32.26 1.03 -21.86
C THR C 170 31.18 -0.02 -21.59
N ASP C 171 30.38 0.21 -20.57
CA ASP C 171 29.26 -0.68 -20.29
C ASP C 171 28.09 -0.27 -21.16
N GLN C 172 26.97 -0.99 -21.06
CA GLN C 172 25.83 -0.64 -21.89
C GLN C 172 25.15 0.61 -21.35
N ASP C 173 24.96 1.59 -22.22
CA ASP C 173 24.38 2.87 -21.84
C ASP C 173 22.96 2.72 -21.32
N SER C 174 22.70 3.33 -20.16
CA SER C 174 21.40 3.23 -19.50
C SER C 174 20.30 4.07 -20.16
N LYS C 175 20.67 4.92 -21.12
CA LYS C 175 19.67 5.77 -21.77
C LYS C 175 19.29 5.27 -23.16
N ASP C 176 20.25 4.74 -23.91
CA ASP C 176 19.92 4.29 -25.27
C ASP C 176 20.49 2.91 -25.63
N SER C 177 21.01 2.18 -24.65
CA SER C 177 21.51 0.83 -24.82
C SER C 177 22.72 0.69 -25.74
N THR C 178 23.34 1.80 -26.14
CA THR C 178 24.52 1.73 -27.00
C THR C 178 25.82 1.51 -26.24
N TYR C 179 26.89 1.27 -27.00
CA TYR C 179 28.23 1.06 -26.47
C TYR C 179 29.23 2.02 -27.12
N SER C 180 30.34 2.24 -26.44
CA SER C 180 31.44 3.03 -27.01
C SER C 180 32.76 2.29 -26.83
N MET C 181 33.74 2.61 -27.68
CA MET C 181 35.05 1.98 -27.59
C MET C 181 36.19 2.98 -27.79
N SER C 182 37.30 2.78 -27.08
CA SER C 182 38.50 3.60 -27.23
C SER C 182 39.74 2.76 -27.50
N SER C 183 40.36 3.00 -28.65
CA SER C 183 41.54 2.24 -29.07
C SER C 183 42.74 3.18 -29.18
N THR C 184 43.80 2.89 -28.43
CA THR C 184 44.95 3.79 -28.41
C THR C 184 46.24 3.11 -28.80
N LEU C 185 46.98 3.75 -29.70
CA LEU C 185 48.30 3.30 -30.12
C LEU C 185 49.40 4.10 -29.42
N THR C 186 50.26 3.41 -28.68
CA THR C 186 51.35 4.07 -27.96
C THR C 186 52.69 3.83 -28.63
N LEU C 187 53.44 4.90 -28.84
CA LEU C 187 54.74 4.79 -29.47
C LEU C 187 55.65 5.95 -29.08
N THR C 188 56.90 5.88 -29.49
CA THR C 188 57.87 6.94 -29.19
C THR C 188 58.03 7.86 -30.40
N LYS C 189 58.50 9.09 -30.15
CA LYS C 189 58.69 10.05 -31.23
C LYS C 189 59.60 9.52 -32.32
N ASP C 190 60.63 8.79 -31.92
CA ASP C 190 61.61 8.25 -32.85
C ASP C 190 61.00 7.27 -33.85
N GLU C 191 59.88 6.65 -33.50
CA GLU C 191 59.20 5.72 -34.39
C GLU C 191 58.07 6.42 -35.12
N TYR C 192 57.49 7.43 -34.48
CA TYR C 192 56.42 8.22 -35.07
C TYR C 192 56.91 8.93 -36.33
N GLU C 193 58.07 9.55 -36.25
CA GLU C 193 58.60 10.31 -37.38
C GLU C 193 59.27 9.41 -38.41
N ARG C 194 58.49 8.54 -39.01
CA ARG C 194 58.96 7.60 -40.03
C ARG C 194 57.94 7.47 -41.14
N HIS C 195 56.75 6.98 -40.78
CA HIS C 195 55.66 6.82 -41.72
C HIS C 195 54.93 8.13 -41.87
N ASN C 196 54.42 8.40 -43.05
CA ASN C 196 53.72 9.66 -43.27
C ASN C 196 52.24 9.57 -42.97
N SER C 197 51.62 8.44 -43.33
CA SER C 197 50.17 8.28 -43.19
C SER C 197 49.78 7.33 -42.08
N TYR C 198 48.95 7.82 -41.17
CA TYR C 198 48.44 7.02 -40.06
C TYR C 198 46.96 6.73 -40.25
N THR C 199 46.61 5.45 -40.26
CA THR C 199 45.24 5.05 -40.51
C THR C 199 44.66 4.18 -39.41
N CYS C 200 43.41 4.42 -39.07
CA CYS C 200 42.65 3.60 -38.12
C CYS C 200 41.43 3.03 -38.83
N GLU C 201 41.20 1.73 -38.66
CA GLU C 201 40.06 1.11 -39.32
C GLU C 201 39.17 0.34 -38.35
N ALA C 202 37.88 0.35 -38.61
CA ALA C 202 36.96 -0.47 -37.82
C ALA C 202 35.96 -1.19 -38.70
N THR C 203 35.96 -2.52 -38.61
CA THR C 203 35.03 -3.34 -39.40
C THR C 203 33.83 -3.73 -38.56
N HIS C 204 32.66 -3.34 -39.04
CA HIS C 204 31.42 -3.53 -38.29
C HIS C 204 30.57 -4.65 -38.90
N LYS C 205 29.42 -4.92 -38.30
CA LYS C 205 28.56 -6.02 -38.74
C LYS C 205 27.28 -5.55 -39.42
N THR C 206 27.16 -4.27 -39.73
CA THR C 206 25.97 -3.75 -40.37
C THR C 206 26.23 -3.38 -41.82
N SER C 207 27.46 -3.63 -42.27
CA SER C 207 27.86 -3.28 -43.62
C SER C 207 29.06 -4.11 -44.07
N THR C 208 29.39 -4.00 -45.36
CA THR C 208 30.52 -4.70 -45.95
C THR C 208 31.64 -3.72 -46.27
N SER C 209 31.50 -2.50 -45.77
CA SER C 209 32.45 -1.42 -45.99
C SER C 209 32.91 -0.80 -44.67
N PRO C 210 34.09 -1.16 -44.18
CA PRO C 210 34.70 -0.70 -42.95
C PRO C 210 34.84 0.83 -42.96
N ILE C 211 34.75 1.43 -41.78
CA ILE C 211 34.89 2.87 -41.66
C ILE C 211 36.34 3.22 -41.38
N VAL C 212 36.90 4.11 -42.19
CA VAL C 212 38.32 4.42 -42.12
C VAL C 212 38.59 5.90 -41.96
N LYS C 213 39.45 6.23 -40.99
CA LYS C 213 39.91 7.59 -40.77
C LYS C 213 41.43 7.64 -40.74
N SER C 214 42.02 8.71 -41.25
CA SER C 214 43.47 8.82 -41.30
C SER C 214 43.95 10.26 -41.31
N PHE C 215 45.25 10.44 -41.05
CA PHE C 215 45.89 11.75 -41.17
C PHE C 215 47.33 11.61 -41.59
N ASN C 216 47.89 12.69 -42.12
CA ASN C 216 49.32 12.69 -42.48
C ASN C 216 50.10 13.50 -41.42
N ARG C 217 51.30 13.01 -41.08
CA ARG C 217 52.09 13.71 -40.06
C ARG C 217 52.47 15.12 -40.50
N ASN C 218 52.41 15.40 -41.79
CA ASN C 218 52.73 16.72 -42.33
C ASN C 218 51.48 17.51 -42.66
N GLU C 219 50.32 17.01 -42.23
CA GLU C 219 49.03 17.63 -42.52
C GLU C 219 48.69 18.85 -41.66
N CYS C 220 49.12 18.83 -40.38
CA CYS C 220 48.74 19.85 -39.40
C CYS C 220 49.66 21.07 -39.39
N GLU D 1 16.42 10.15 7.36
CA GLU D 1 17.33 9.76 6.29
C GLU D 1 18.62 9.16 6.86
N VAL D 2 18.78 7.84 6.70
CA VAL D 2 19.94 7.10 7.19
C VAL D 2 21.12 7.25 6.23
N GLN D 3 22.26 7.64 6.78
CA GLN D 3 23.46 7.80 5.97
C GLN D 3 24.66 7.12 6.61
N LEU D 4 25.56 6.63 5.77
CA LEU D 4 26.82 6.05 6.23
C LEU D 4 27.96 6.64 5.44
N GLN D 5 28.85 7.38 6.10
CA GLN D 5 29.93 8.06 5.42
C GLN D 5 31.29 7.47 5.80
N GLN D 6 31.94 6.86 4.82
CA GLN D 6 33.21 6.19 5.07
C GLN D 6 34.41 7.11 4.85
N SER D 7 35.53 6.71 5.42
CA SER D 7 36.77 7.49 5.38
C SER D 7 37.34 7.75 4.00
N GLY D 8 37.09 6.87 3.04
CA GLY D 8 37.63 7.06 1.70
C GLY D 8 38.86 6.17 1.47
N PRO D 9 39.44 6.23 0.28
CA PRO D 9 40.44 5.33 -0.25
C PRO D 9 41.74 5.37 0.53
N GLU D 10 42.43 4.24 0.56
CA GLU D 10 43.70 4.12 1.28
C GLU D 10 44.66 3.18 0.56
N LEU D 11 45.96 3.40 0.74
CA LEU D 11 47.00 2.58 0.13
C LEU D 11 47.98 2.07 1.18
N VAL D 12 48.13 0.74 1.26
CA VAL D 12 49.05 0.14 2.21
C VAL D 12 49.97 -0.88 1.55
N LYS D 13 51.08 -1.18 2.21
CA LYS D 13 52.01 -2.19 1.72
C LYS D 13 51.60 -3.58 2.22
N PRO D 14 52.02 -4.66 1.56
CA PRO D 14 51.83 -6.03 1.98
C PRO D 14 52.33 -6.24 3.41
N GLY D 15 51.51 -6.92 4.21
CA GLY D 15 51.84 -7.22 5.60
C GLY D 15 51.33 -6.13 6.54
N ALA D 16 50.84 -5.03 5.98
CA ALA D 16 50.36 -3.91 6.75
C ALA D 16 49.00 -4.15 7.36
N SER D 17 48.70 -3.38 8.39
CA SER D 17 47.38 -3.36 8.99
C SER D 17 46.80 -1.96 8.87
N MET D 18 45.48 -1.87 8.93
CA MET D 18 44.81 -0.57 8.84
C MET D 18 43.40 -0.60 9.36
N LYS D 19 42.86 0.57 9.67
CA LYS D 19 41.48 0.66 10.12
C LYS D 19 40.61 1.42 9.14
N ILE D 20 39.42 0.90 8.93
CA ILE D 20 38.40 1.53 8.11
C ILE D 20 37.30 2.06 8.99
N SER D 21 37.08 3.36 8.95
CA SER D 21 36.04 3.93 9.78
C SER D 21 34.77 4.15 8.97
N CYS D 22 33.65 4.22 9.68
CA CYS D 22 32.38 4.49 9.07
C CYS D 22 31.50 5.32 9.99
N LYS D 23 31.35 6.59 9.67
CA LYS D 23 30.59 7.50 10.51
C LYS D 23 29.13 7.48 10.11
N THR D 24 28.25 7.23 11.06
CA THR D 24 26.85 7.11 10.73
C THR D 24 26.05 8.29 11.24
N SER D 25 24.93 8.57 10.61
CA SER D 25 24.05 9.63 11.04
C SER D 25 22.62 9.42 10.58
N GLY D 26 21.70 10.17 11.15
CA GLY D 26 20.29 10.14 10.74
C GLY D 26 19.45 9.24 11.65
N TYR D 27 20.12 8.44 12.48
CA TYR D 27 19.42 7.55 13.38
C TYR D 27 20.24 7.34 14.64
N SER D 28 19.60 6.85 15.69
CA SER D 28 20.29 6.60 16.94
C SER D 28 21.32 5.49 16.79
N PHE D 29 22.48 5.68 17.41
CA PHE D 29 23.50 4.64 17.37
C PHE D 29 23.12 3.64 18.44
N THR D 30 23.89 2.58 18.60
CA THR D 30 23.53 1.51 19.53
C THR D 30 22.09 1.10 19.32
N GLY D 31 21.71 0.98 18.06
CA GLY D 31 20.35 0.61 17.69
C GLY D 31 20.35 -0.63 16.80
N TYR D 32 20.70 -0.44 15.54
CA TYR D 32 20.64 -1.48 14.53
C TYR D 32 21.99 -2.17 14.37
N THR D 33 21.97 -3.47 14.08
CA THR D 33 23.19 -4.26 13.90
C THR D 33 23.99 -3.80 12.69
N MET D 34 25.32 -3.71 12.84
CA MET D 34 26.19 -3.33 11.74
C MET D 34 26.83 -4.55 11.07
N ASN D 35 26.76 -4.62 9.73
CA ASN D 35 27.33 -5.74 9.00
C ASN D 35 28.41 -5.29 8.03
N TRP D 36 29.42 -6.14 7.81
CA TRP D 36 30.50 -5.82 6.88
C TRP D 36 30.55 -6.76 5.68
N VAL D 37 30.67 -6.14 4.49
CA VAL D 37 30.69 -6.83 3.20
C VAL D 37 31.89 -6.48 2.32
N LYS D 38 32.54 -7.51 1.79
CA LYS D 38 33.68 -7.36 0.89
C LYS D 38 33.35 -7.77 -0.53
N GLN D 39 33.47 -6.84 -1.47
CA GLN D 39 33.24 -7.14 -2.87
C GLN D 39 34.55 -7.34 -3.61
N SER D 40 34.71 -8.52 -4.20
CA SER D 40 35.98 -8.89 -4.83
C SER D 40 35.88 -9.01 -6.33
N HIS D 41 36.98 -8.69 -7.01
CA HIS D 41 37.12 -8.82 -8.46
C HIS D 41 36.14 -7.94 -9.22
N GLY D 42 35.41 -7.12 -8.49
CA GLY D 42 34.39 -6.25 -9.09
C GLY D 42 33.16 -7.06 -9.47
N LYS D 43 33.08 -8.31 -9.01
CA LYS D 43 31.98 -9.19 -9.40
C LYS D 43 31.28 -9.90 -8.25
N ASN D 44 32.05 -10.49 -7.35
CA ASN D 44 31.48 -11.40 -6.36
C ASN D 44 31.27 -10.74 -5.01
N LEU D 45 30.15 -11.07 -4.37
CA LEU D 45 29.87 -10.57 -3.04
C LEU D 45 30.24 -11.62 -2.01
N GLU D 46 30.54 -11.17 -0.80
CA GLU D 46 30.95 -12.05 0.28
C GLU D 46 30.43 -11.49 1.60
N TRP D 47 30.65 -12.20 2.69
CA TRP D 47 30.19 -11.75 4.01
C TRP D 47 31.29 -11.90 5.05
N ILE D 48 31.62 -10.81 5.75
CA ILE D 48 32.67 -10.86 6.75
C ILE D 48 32.13 -11.18 8.13
N GLY D 49 31.10 -10.46 8.55
CA GLY D 49 30.55 -10.67 9.87
C GLY D 49 29.70 -9.51 10.37
N LEU D 50 29.22 -9.61 11.60
CA LEU D 50 28.39 -8.59 12.22
C LEU D 50 28.84 -8.19 13.62
N ILE D 51 28.55 -6.95 13.98
CA ILE D 51 28.80 -6.46 15.33
C ILE D 51 27.58 -5.75 15.91
N ASN D 52 27.23 -6.09 17.14
CA ASN D 52 26.19 -5.41 17.87
C ASN D 52 26.79 -4.18 18.56
N PRO D 53 26.34 -2.96 18.23
CA PRO D 53 26.88 -1.69 18.68
C PRO D 53 26.54 -1.36 20.13
N TYR D 54 25.63 -2.13 20.73
CA TYR D 54 25.18 -1.87 22.10
C TYR D 54 25.94 -2.76 23.05
N ASN D 55 25.83 -4.06 22.81
CA ASN D 55 26.61 -5.07 23.52
C ASN D 55 27.66 -5.54 22.55
N GLY D 56 28.94 -5.40 22.89
CA GLY D 56 30.01 -5.69 21.94
C GLY D 56 30.19 -7.17 21.64
N ASP D 57 29.12 -7.79 21.18
CA ASP D 57 29.09 -9.18 20.77
C ASP D 57 29.26 -9.28 19.28
N THR D 58 30.27 -10.00 18.84
CA THR D 58 30.55 -10.12 17.42
C THR D 58 30.35 -11.55 16.95
N SER D 59 30.12 -11.69 15.66
CA SER D 59 30.03 -12.99 15.02
C SER D 59 30.66 -12.93 13.64
N TYR D 60 31.61 -13.82 13.40
CA TYR D 60 32.38 -13.83 12.17
C TYR D 60 32.00 -15.01 11.30
N ASN D 61 32.28 -14.90 10.01
CA ASN D 61 31.98 -15.98 9.08
C ASN D 61 32.82 -17.23 9.38
N GLN D 62 33.88 -17.44 8.62
CA GLN D 62 34.73 -18.60 8.83
C GLN D 62 36.20 -18.28 8.60
N LYS D 63 36.47 -17.76 7.40
CA LYS D 63 37.84 -17.53 6.95
C LYS D 63 38.36 -16.18 7.38
N PHE D 64 37.51 -15.39 8.02
CA PHE D 64 37.91 -14.05 8.44
C PHE D 64 38.26 -13.99 9.92
N LYS D 65 38.25 -15.14 10.58
CA LYS D 65 38.59 -15.17 11.99
C LYS D 65 40.08 -14.96 12.15
N GLY D 66 40.45 -13.91 12.85
CA GLY D 66 41.86 -13.56 13.01
C GLY D 66 42.38 -12.76 11.82
N LYS D 67 41.47 -12.46 10.88
CA LYS D 67 41.83 -11.71 9.68
C LYS D 67 41.28 -10.30 9.79
N ALA D 68 40.10 -10.19 10.40
CA ALA D 68 39.49 -8.89 10.62
C ALA D 68 38.83 -8.86 11.98
N THR D 69 38.86 -7.71 12.62
CA THR D 69 38.19 -7.53 13.90
C THR D 69 37.26 -6.33 13.86
N LEU D 70 36.16 -6.41 14.59
CA LEU D 70 35.19 -5.32 14.61
C LEU D 70 35.10 -4.66 15.96
N THR D 71 34.84 -3.35 15.96
CA THR D 71 34.67 -2.57 17.19
C THR D 71 33.87 -1.31 16.92
N VAL D 72 33.36 -0.68 17.97
CA VAL D 72 32.66 0.59 17.79
C VAL D 72 33.09 1.68 18.76
N ASP D 73 32.85 2.92 18.37
CA ASP D 73 33.02 4.08 19.22
C ASP D 73 31.67 4.76 19.43
N LYS D 74 31.07 4.52 20.59
CA LYS D 74 29.71 5.00 20.84
C LYS D 74 29.60 6.52 20.85
N SER D 75 30.59 7.19 21.43
CA SER D 75 30.57 8.64 21.58
C SER D 75 30.61 9.34 20.22
N SER D 76 31.35 8.76 19.28
CA SER D 76 31.52 9.36 17.97
C SER D 76 30.59 8.76 16.91
N SER D 77 29.66 7.90 17.32
CA SER D 77 28.76 7.24 16.37
C SER D 77 29.53 6.68 15.19
N THR D 78 30.64 6.02 15.49
CA THR D 78 31.53 5.52 14.45
C THR D 78 31.85 4.04 14.60
N ALA D 79 31.72 3.30 13.51
CA ALA D 79 32.07 1.88 13.52
C ALA D 79 33.41 1.66 12.86
N TYR D 80 34.13 0.64 13.31
CA TYR D 80 35.43 0.32 12.73
C TYR D 80 35.59 -1.14 12.35
N MET D 81 36.41 -1.37 11.33
CA MET D 81 36.96 -2.69 11.07
C MET D 81 38.45 -2.59 10.91
N GLU D 82 39.16 -3.51 11.53
CA GLU D 82 40.61 -3.53 11.41
C GLU D 82 41.07 -4.70 10.57
N LEU D 83 41.81 -4.39 9.52
CA LEU D 83 42.34 -5.39 8.60
C LEU D 83 43.74 -5.81 9.02
N LEU D 84 43.96 -7.11 9.11
CA LEU D 84 45.24 -7.64 9.55
C LEU D 84 45.99 -8.38 8.43
N SER D 85 47.33 -8.27 8.45
CA SER D 85 48.20 -9.01 7.53
C SER D 85 47.73 -8.93 6.09
N LEU D 86 47.54 -7.72 5.58
CA LEU D 86 47.01 -7.56 4.23
C LEU D 86 47.94 -8.06 3.13
N THR D 87 47.36 -8.76 2.17
CA THR D 87 48.09 -9.29 1.02
C THR D 87 47.49 -8.82 -0.29
N SER D 88 48.02 -9.34 -1.40
CA SER D 88 47.62 -8.90 -2.73
C SER D 88 46.16 -9.24 -3.06
N GLU D 89 45.60 -10.22 -2.36
CA GLU D 89 44.22 -10.65 -2.59
C GLU D 89 43.22 -9.87 -1.76
N ASP D 90 43.72 -8.96 -0.92
CA ASP D 90 42.82 -8.20 -0.06
C ASP D 90 42.38 -6.88 -0.66
N SER D 91 42.87 -6.57 -1.86
CA SER D 91 42.42 -5.35 -2.52
C SER D 91 40.96 -5.52 -2.87
N ALA D 92 40.13 -4.60 -2.40
CA ALA D 92 38.69 -4.75 -2.57
C ALA D 92 37.95 -3.50 -2.14
N VAL D 93 36.63 -3.50 -2.36
CA VAL D 93 35.79 -2.44 -1.84
C VAL D 93 35.03 -2.94 -0.63
N TYR D 94 35.21 -2.27 0.50
CA TYR D 94 34.57 -2.69 1.73
C TYR D 94 33.38 -1.79 2.08
N TYR D 95 32.22 -2.41 2.22
CA TYR D 95 30.99 -1.67 2.48
C TYR D 95 30.46 -1.92 3.88
N CYS D 96 29.81 -0.91 4.42
CA CYS D 96 29.05 -1.06 5.64
C CYS D 96 27.58 -1.04 5.32
N GLU D 97 26.80 -1.87 6.00
CA GLU D 97 25.36 -1.88 5.80
C GLU D 97 24.62 -2.10 7.12
N VAL D 98 23.37 -1.65 7.18
CA VAL D 98 22.60 -1.75 8.41
C VAL D 98 21.59 -2.90 8.42
N ILE D 99 20.53 -2.80 7.60
CA ILE D 99 19.55 -3.89 7.51
C ILE D 99 19.35 -4.33 6.06
N ASN D 100 20.45 -4.32 5.30
CA ASN D 100 20.50 -4.71 3.90
C ASN D 100 19.86 -3.69 2.95
N THR D 101 19.34 -2.59 3.48
CA THR D 101 18.74 -1.57 2.63
C THR D 101 19.58 -0.28 2.59
N TYR D 102 20.37 -0.05 3.63
CA TYR D 102 21.17 1.16 3.72
C TYR D 102 22.64 0.82 3.68
N TRP D 103 23.31 1.28 2.61
CA TRP D 103 24.71 0.95 2.34
C TRP D 103 25.59 2.18 2.32
N GLY D 104 26.85 2.01 2.69
CA GLY D 104 27.83 3.09 2.61
C GLY D 104 28.32 3.29 1.18
N GLN D 105 29.22 4.24 0.99
CA GLN D 105 29.74 4.58 -0.34
C GLN D 105 30.74 3.57 -0.88
N GLY D 106 31.45 2.89 0.01
CA GLY D 106 32.48 1.95 -0.39
C GLY D 106 33.88 2.52 -0.19
N THR D 107 34.70 1.82 0.59
CA THR D 107 36.07 2.22 0.82
C THR D 107 37.02 1.37 0.03
N LEU D 108 37.75 1.98 -0.89
CA LEU D 108 38.64 1.21 -1.74
C LEU D 108 40.02 1.06 -1.12
N VAL D 109 40.40 -0.17 -0.85
CA VAL D 109 41.67 -0.47 -0.22
C VAL D 109 42.62 -1.13 -1.20
N THR D 110 43.76 -0.50 -1.43
CA THR D 110 44.76 -1.05 -2.33
C THR D 110 45.97 -1.53 -1.55
N VAL D 111 46.40 -2.77 -1.83
CA VAL D 111 47.59 -3.30 -1.19
C VAL D 111 48.73 -3.38 -2.21
N SER D 112 49.71 -2.50 -2.05
CA SER D 112 50.81 -2.39 -3.02
C SER D 112 52.00 -1.62 -2.46
N ALA D 113 53.19 -1.99 -2.88
CA ALA D 113 54.41 -1.30 -2.47
C ALA D 113 54.89 -0.35 -3.57
N ALA D 114 54.08 -0.19 -4.61
CA ALA D 114 54.42 0.68 -5.73
C ALA D 114 54.33 2.14 -5.33
N LYS D 115 55.18 2.95 -5.95
CA LYS D 115 55.19 4.39 -5.71
C LYS D 115 53.97 5.08 -6.33
N THR D 116 53.42 6.04 -5.60
CA THR D 116 52.32 6.85 -6.11
C THR D 116 52.87 8.03 -6.89
N THR D 117 52.37 8.24 -8.09
CA THR D 117 52.83 9.32 -8.95
C THR D 117 51.64 10.19 -9.37
N PRO D 118 51.88 11.48 -9.66
CA PRO D 118 50.91 12.42 -10.19
C PRO D 118 50.65 12.12 -11.66
N PRO D 119 49.47 12.46 -12.17
CA PRO D 119 49.03 12.31 -13.54
C PRO D 119 49.66 13.35 -14.46
N SER D 120 49.81 12.98 -15.73
CA SER D 120 50.19 13.92 -16.77
C SER D 120 49.03 14.09 -17.73
N VAL D 121 48.62 15.34 -17.98
CA VAL D 121 47.43 15.59 -18.78
C VAL D 121 47.76 16.11 -20.18
N TYR D 122 47.30 15.38 -21.20
CA TYR D 122 47.53 15.73 -22.58
C TYR D 122 46.20 15.94 -23.31
N PRO D 123 45.91 17.14 -23.82
CA PRO D 123 44.68 17.51 -24.49
C PRO D 123 44.59 16.89 -25.89
N LEU D 124 43.37 16.64 -26.35
CA LEU D 124 43.14 16.18 -27.71
C LEU D 124 42.26 17.16 -28.47
N ALA D 125 42.67 17.48 -29.69
CA ALA D 125 41.89 18.36 -30.55
C ALA D 125 42.22 18.06 -32.01
N PRO D 126 41.28 18.28 -32.93
CA PRO D 126 41.45 18.16 -34.37
C PRO D 126 42.17 19.37 -34.93
N GLY D 127 43.38 19.62 -34.44
CA GLY D 127 44.14 20.79 -34.85
C GLY D 127 44.46 20.72 -36.32
N SER D 128 44.21 21.83 -37.03
CA SER D 128 44.47 21.92 -38.47
C SER D 128 43.76 20.84 -39.28
N ALA D 129 42.79 20.15 -38.69
CA ALA D 129 42.09 19.07 -39.37
C ALA D 129 40.93 19.60 -40.20
N ALA D 130 40.64 20.88 -40.05
CA ALA D 130 39.55 21.54 -40.76
C ALA D 130 38.22 20.83 -40.52
N GLN D 131 37.99 20.40 -39.29
CA GLN D 131 36.74 19.74 -38.93
C GLN D 131 35.78 20.76 -38.34
N THR D 132 34.90 21.28 -39.20
CA THR D 132 34.00 22.37 -38.83
C THR D 132 32.55 21.92 -38.90
N ASN D 133 32.35 20.62 -39.04
CA ASN D 133 31.02 20.05 -39.19
C ASN D 133 30.33 19.89 -37.84
N SER D 134 29.12 19.35 -37.84
CA SER D 134 28.29 19.24 -36.66
C SER D 134 28.82 18.28 -35.60
N MET D 135 29.81 17.47 -35.95
CA MET D 135 30.36 16.48 -35.03
C MET D 135 31.82 16.76 -34.70
N VAL D 136 32.05 17.61 -33.71
CA VAL D 136 33.41 17.94 -33.30
C VAL D 136 33.76 17.18 -32.03
N THR D 137 34.83 16.42 -32.06
CA THR D 137 35.19 15.64 -30.89
C THR D 137 36.38 16.24 -30.18
N LEU D 138 36.21 16.48 -28.89
CA LEU D 138 37.28 16.96 -28.03
C LEU D 138 37.57 15.91 -26.97
N GLY D 139 38.79 15.85 -26.48
CA GLY D 139 39.10 14.83 -25.48
C GLY D 139 40.42 15.07 -24.79
N CYS D 140 40.83 14.10 -23.97
CA CYS D 140 42.10 14.18 -23.28
C CYS D 140 42.60 12.81 -22.88
N LEU D 141 43.90 12.74 -22.64
CA LEU D 141 44.52 11.52 -22.14
C LEU D 141 45.23 11.82 -20.82
N VAL D 142 44.95 11.00 -19.82
CA VAL D 142 45.59 11.14 -18.52
C VAL D 142 46.48 9.93 -18.27
N LYS D 143 47.77 10.17 -18.08
CA LYS D 143 48.71 9.06 -17.95
C LYS D 143 49.59 9.13 -16.72
N GLY D 144 50.07 7.95 -16.29
CA GLY D 144 51.08 7.86 -15.24
C GLY D 144 50.53 8.03 -13.83
N TYR D 145 49.29 7.62 -13.59
CA TYR D 145 48.75 7.79 -12.25
C TYR D 145 48.67 6.46 -11.51
N PHE D 146 48.24 6.53 -10.24
CA PHE D 146 48.22 5.34 -9.39
C PHE D 146 47.55 5.69 -8.05
N PRO D 147 46.98 4.70 -7.37
CA PRO D 147 46.61 3.36 -7.79
C PRO D 147 45.33 3.28 -8.62
N GLU D 148 44.40 4.20 -8.40
CA GLU D 148 43.10 4.09 -9.06
C GLU D 148 42.37 5.42 -9.30
N PRO D 149 41.88 6.08 -8.25
CA PRO D 149 40.70 6.91 -8.22
C PRO D 149 40.89 8.29 -8.82
N VAL D 150 41.27 8.35 -10.10
CA VAL D 150 41.36 9.62 -10.81
C VAL D 150 40.03 9.98 -11.42
N THR D 151 39.57 11.19 -11.12
CA THR D 151 38.29 11.66 -11.63
C THR D 151 38.50 12.75 -12.66
N VAL D 152 37.87 12.58 -13.83
CA VAL D 152 37.97 13.59 -14.86
C VAL D 152 36.60 14.17 -15.18
N THR D 153 36.48 15.47 -15.00
CA THR D 153 35.24 16.19 -15.24
C THR D 153 35.44 17.26 -16.29
N TRP D 154 34.41 17.47 -17.11
CA TRP D 154 34.50 18.49 -18.15
C TRP D 154 33.83 19.80 -17.73
N ASN D 155 34.58 20.91 -17.84
CA ASN D 155 34.08 22.24 -17.50
C ASN D 155 33.42 22.28 -16.12
N SER D 156 34.09 21.68 -15.15
CA SER D 156 33.62 21.63 -13.77
C SER D 156 32.21 21.06 -13.62
N GLY D 157 31.79 20.23 -14.56
CA GLY D 157 30.50 19.57 -14.48
C GLY D 157 29.47 20.19 -15.41
N SER D 158 29.86 21.22 -16.14
CA SER D 158 28.95 21.86 -17.09
C SER D 158 28.60 20.91 -18.23
N LEU D 159 29.59 20.15 -18.70
CA LEU D 159 29.33 19.21 -19.79
C LEU D 159 28.94 17.85 -19.20
N SER D 160 27.74 17.80 -18.65
CA SER D 160 27.24 16.62 -17.95
C SER D 160 26.80 15.50 -18.89
N SER D 161 26.68 15.82 -20.17
CA SER D 161 26.22 14.84 -21.16
C SER D 161 27.04 14.93 -22.44
N GLY D 162 26.99 13.87 -23.24
CA GLY D 162 27.76 13.82 -24.48
C GLY D 162 29.18 13.36 -24.21
N VAL D 163 29.41 12.93 -22.97
CA VAL D 163 30.74 12.50 -22.51
C VAL D 163 30.85 11.00 -22.40
N HIS D 164 31.90 10.45 -23.00
CA HIS D 164 32.19 9.03 -22.92
C HIS D 164 33.48 8.81 -22.15
N THR D 165 33.37 8.32 -20.93
CA THR D 165 34.55 8.10 -20.10
C THR D 165 34.83 6.62 -20.03
N PHE D 166 36.05 6.25 -20.36
CA PHE D 166 36.39 4.84 -20.42
C PHE D 166 37.02 4.39 -19.12
N PRO D 167 36.92 3.11 -18.78
CA PRO D 167 37.62 2.44 -17.71
C PRO D 167 39.12 2.59 -17.86
N ALA D 168 39.81 2.70 -16.74
CA ALA D 168 41.25 2.83 -16.75
C ALA D 168 41.91 1.53 -17.17
N VAL D 169 43.08 1.64 -17.75
CA VAL D 169 43.88 0.48 -18.11
C VAL D 169 45.27 0.58 -17.48
N LEU D 170 45.98 -0.53 -17.42
CA LEU D 170 47.29 -0.52 -16.78
C LEU D 170 48.40 -0.93 -17.73
N GLN D 171 49.52 -0.21 -17.65
CA GLN D 171 50.75 -0.51 -18.38
C GLN D 171 51.96 -0.28 -17.49
N SER D 172 52.82 -1.29 -17.40
CA SER D 172 54.02 -1.17 -16.58
C SER D 172 53.70 -0.70 -15.16
N ASP D 173 52.63 -1.25 -14.60
CA ASP D 173 52.17 -0.97 -13.24
C ASP D 173 51.60 0.44 -13.05
N LEU D 174 51.49 1.20 -14.13
CA LEU D 174 50.90 2.54 -14.07
C LEU D 174 49.57 2.58 -14.78
N TYR D 175 48.71 3.49 -14.34
CA TYR D 175 47.38 3.57 -14.95
C TYR D 175 47.24 4.72 -15.93
N THR D 176 46.41 4.50 -16.96
CA THR D 176 46.06 5.54 -17.90
C THR D 176 44.55 5.60 -18.11
N LEU D 177 44.07 6.76 -18.54
CA LEU D 177 42.64 6.99 -18.74
C LEU D 177 42.37 7.89 -19.94
N SER D 178 41.42 7.50 -20.79
CA SER D 178 41.00 8.37 -21.88
C SER D 178 39.53 8.73 -21.76
N SER D 179 39.20 9.93 -22.21
CA SER D 179 37.80 10.37 -22.26
C SER D 179 37.60 11.36 -23.40
N SER D 180 36.36 11.47 -23.87
CA SER D 180 36.03 12.42 -24.93
C SER D 180 34.60 12.93 -24.82
N VAL D 181 34.38 14.11 -25.38
CA VAL D 181 33.06 14.72 -25.42
C VAL D 181 32.74 15.22 -26.82
N THR D 182 31.49 15.02 -27.25
CA THR D 182 31.08 15.50 -28.56
C THR D 182 30.37 16.84 -28.45
N VAL D 183 30.83 17.81 -29.24
CA VAL D 183 30.25 19.14 -29.25
C VAL D 183 29.96 19.57 -30.68
N PRO D 184 29.06 20.54 -30.88
CA PRO D 184 28.79 21.22 -32.13
C PRO D 184 29.92 22.17 -32.49
N SER D 185 30.04 22.50 -33.78
CA SER D 185 31.05 23.45 -34.22
C SER D 185 30.80 24.86 -33.70
N SER D 186 29.57 25.13 -33.29
CA SER D 186 29.20 26.45 -32.80
C SER D 186 29.89 26.79 -31.49
N THR D 187 30.43 25.77 -30.81
CA THR D 187 31.09 25.98 -29.52
C THR D 187 32.60 25.78 -29.62
N TRP D 188 33.13 25.62 -30.84
CA TRP D 188 34.56 25.35 -30.97
C TRP D 188 35.17 25.91 -32.25
N PRO D 189 36.25 26.69 -32.12
CA PRO D 189 36.93 27.19 -30.93
C PRO D 189 36.33 28.48 -30.39
N SER D 190 35.00 28.56 -30.35
CA SER D 190 34.34 29.77 -29.86
C SER D 190 34.26 29.78 -28.33
N GLU D 191 34.29 28.60 -27.72
CA GLU D 191 34.23 28.50 -26.27
C GLU D 191 35.44 27.75 -25.75
N THR D 192 35.89 28.11 -24.54
CA THR D 192 37.02 27.42 -23.93
C THR D 192 36.55 26.16 -23.21
N VAL D 193 37.22 25.05 -23.48
CA VAL D 193 36.89 23.78 -22.86
C VAL D 193 38.03 23.29 -21.98
N THR D 194 37.71 23.04 -20.71
CA THR D 194 38.72 22.64 -19.73
C THR D 194 38.49 21.25 -19.16
N CYS D 195 39.56 20.47 -19.10
CA CYS D 195 39.53 19.16 -18.49
C CYS D 195 39.99 19.26 -17.04
N ASN D 196 39.12 18.85 -16.13
CA ASN D 196 39.42 18.94 -14.70
C ASN D 196 39.85 17.59 -14.16
N VAL D 197 41.14 17.42 -13.90
CA VAL D 197 41.65 16.14 -13.48
C VAL D 197 42.09 16.13 -12.02
N ALA D 198 41.40 15.35 -11.21
CA ALA D 198 41.69 15.30 -9.78
C ALA D 198 42.23 13.94 -9.37
N HIS D 199 43.36 13.93 -8.67
CA HIS D 199 43.97 12.72 -8.18
C HIS D 199 44.37 12.81 -6.70
N PRO D 200 43.44 12.56 -5.79
CA PRO D 200 43.56 12.70 -4.34
C PRO D 200 44.78 11.97 -3.76
N ALA D 201 45.15 10.83 -4.35
CA ALA D 201 46.26 10.03 -3.83
C ALA D 201 47.61 10.74 -3.95
N SER D 202 47.69 11.75 -4.81
CA SER D 202 48.91 12.51 -4.97
C SER D 202 48.66 13.98 -4.66
N SER D 203 47.51 14.25 -4.03
CA SER D 203 47.10 15.61 -3.70
C SER D 203 47.28 16.54 -4.89
N THR D 204 46.89 16.06 -6.06
CA THR D 204 47.11 16.81 -7.28
C THR D 204 45.84 17.12 -8.05
N LYS D 205 45.70 18.37 -8.44
CA LYS D 205 44.57 18.79 -9.26
C LYS D 205 45.05 19.64 -10.42
N VAL D 206 44.72 19.23 -11.64
CA VAL D 206 45.16 19.93 -12.83
C VAL D 206 43.99 20.39 -13.68
N ASP D 207 43.94 21.69 -13.94
CA ASP D 207 42.91 22.24 -14.80
C ASP D 207 43.54 22.64 -16.13
N LYS D 208 43.29 21.83 -17.16
CA LYS D 208 43.94 22.04 -18.45
C LYS D 208 42.96 22.40 -19.54
N LYS D 209 43.18 23.54 -20.19
CA LYS D 209 42.31 23.94 -21.28
C LYS D 209 42.81 23.38 -22.60
N ILE D 210 41.89 23.07 -23.48
CA ILE D 210 42.22 22.58 -24.81
C ILE D 210 42.48 23.73 -25.75
N VAL D 211 43.62 23.68 -26.45
CA VAL D 211 43.98 24.71 -27.40
C VAL D 211 43.91 24.15 -28.82
N PRO D 212 43.06 24.71 -29.70
CA PRO D 212 42.78 24.24 -31.05
C PRO D 212 43.98 24.27 -32.01
N ARG D 213 44.96 25.14 -31.72
CA ARG D 213 46.21 25.30 -32.50
C ARG D 213 45.95 25.26 -34.01
N ASP E 3 -30.99 14.10 14.99
CA ASP E 3 -31.34 15.38 14.40
C ASP E 3 -30.13 16.34 14.45
N ILE E 4 -28.97 15.87 13.99
CA ILE E 4 -27.73 16.65 13.93
C ILE E 4 -27.52 17.25 12.56
N VAL E 5 -27.55 18.57 12.51
CA VAL E 5 -27.46 19.30 11.26
C VAL E 5 -26.03 19.56 10.83
N MET E 6 -25.78 19.30 9.56
CA MET E 6 -24.50 19.59 8.92
C MET E 6 -24.74 20.42 7.69
N THR E 7 -23.86 21.39 7.45
CA THR E 7 -23.99 22.22 6.26
C THR E 7 -22.66 22.36 5.53
N GLN E 8 -22.75 22.59 4.22
CA GLN E 8 -21.57 22.87 3.40
C GLN E 8 -21.63 24.32 2.97
N SER E 9 -20.47 24.97 2.90
CA SER E 9 -20.44 26.39 2.58
C SER E 9 -20.82 26.74 1.13
N PRO E 10 -20.11 26.24 0.10
CA PRO E 10 -20.41 26.49 -1.30
C PRO E 10 -21.64 25.70 -1.72
N ALA E 11 -22.40 26.23 -2.67
CA ALA E 11 -23.47 25.45 -3.28
C ALA E 11 -22.90 24.65 -4.44
N SER E 12 -21.92 25.26 -5.10
CA SER E 12 -21.25 24.66 -6.23
C SER E 12 -19.90 25.30 -6.44
N LEU E 13 -19.02 24.59 -7.14
CA LEU E 13 -17.71 25.13 -7.48
C LEU E 13 -17.52 25.19 -8.98
N ALA E 14 -16.80 26.21 -9.45
CA ALA E 14 -16.39 26.29 -10.85
C ALA E 14 -14.88 26.32 -10.92
N VAL E 15 -14.28 25.19 -11.26
CA VAL E 15 -12.83 25.04 -11.17
C VAL E 15 -12.18 24.64 -12.47
N SER E 16 -11.12 25.36 -12.85
CA SER E 16 -10.38 25.04 -14.06
C SER E 16 -9.46 23.85 -13.85
N LEU E 17 -9.02 23.24 -14.94
CA LEU E 17 -8.19 22.06 -14.84
C LEU E 17 -6.83 22.37 -14.24
N GLY E 18 -6.38 21.51 -13.34
CA GLY E 18 -5.07 21.65 -12.72
C GLY E 18 -5.09 22.51 -11.45
N GLN E 19 -6.22 23.14 -11.17
CA GLN E 19 -6.34 23.99 -10.00
C GLN E 19 -7.01 23.26 -8.84
N ARG E 20 -6.72 23.70 -7.63
CA ARG E 20 -7.30 23.10 -6.43
C ARG E 20 -8.75 23.48 -6.22
N ALA E 21 -9.57 22.50 -5.84
CA ALA E 21 -10.96 22.70 -5.47
C ALA E 21 -11.16 22.38 -4.00
N THR E 22 -11.98 23.18 -3.31
CA THR E 22 -12.25 22.89 -1.91
C THR E 22 -13.72 22.96 -1.56
N ILE E 23 -14.16 22.03 -0.70
CA ILE E 23 -15.50 22.04 -0.13
C ILE E 23 -15.40 21.94 1.38
N SER E 24 -16.05 22.85 2.10
CA SER E 24 -16.01 22.81 3.56
C SER E 24 -17.36 22.45 4.15
N CYS E 25 -17.34 21.88 5.35
CA CYS E 25 -18.55 21.50 6.07
C CYS E 25 -18.42 21.71 7.57
N LYS E 26 -19.49 22.20 8.18
CA LYS E 26 -19.50 22.42 9.63
C LYS E 26 -20.57 21.58 10.30
N ALA E 27 -20.29 21.15 11.53
CA ALA E 27 -21.25 20.36 12.29
C ALA E 27 -21.72 21.09 13.53
N SER E 28 -22.98 20.89 13.89
CA SER E 28 -23.52 21.46 15.12
C SER E 28 -22.97 20.76 16.37
N GLN E 29 -22.45 19.55 16.19
CA GLN E 29 -21.88 18.78 17.30
C GLN E 29 -20.40 18.51 17.06
N SER E 30 -19.64 18.41 18.15
CA SER E 30 -18.19 18.19 18.08
C SER E 30 -17.80 16.73 17.97
N ILE E 31 -18.76 15.83 18.13
CA ILE E 31 -18.51 14.39 18.06
C ILE E 31 -17.59 13.93 19.19
N ASP E 32 -16.30 14.26 19.05
CA ASP E 32 -15.30 13.99 20.08
C ASP E 32 -15.45 12.64 20.76
N TYR E 33 -15.27 11.54 20.03
CA TYR E 33 -15.40 10.23 20.66
C TYR E 33 -14.02 9.66 20.90
N ASP E 34 -13.62 9.61 22.16
CA ASP E 34 -12.26 9.18 22.53
C ASP E 34 -11.21 10.00 21.80
N GLY E 35 -11.51 11.28 21.58
CA GLY E 35 -10.58 12.18 20.91
C GLY E 35 -10.68 12.12 19.38
N ASP E 36 -11.47 11.20 18.85
CA ASP E 36 -11.59 11.04 17.41
C ASP E 36 -12.87 11.64 16.84
N ASN E 37 -12.69 12.40 15.77
CA ASN E 37 -13.82 12.99 15.07
C ASN E 37 -14.28 12.01 13.99
N TYR E 38 -15.54 12.11 13.61
CA TYR E 38 -16.09 11.28 12.55
C TYR E 38 -16.70 12.13 11.45
N MET E 39 -16.55 11.68 10.21
CA MET E 39 -17.08 12.37 9.03
C MET E 39 -16.75 11.58 7.76
N ASN E 40 -17.79 11.23 7.00
CA ASN E 40 -17.59 10.55 5.72
C ASN E 40 -17.91 11.47 4.56
N TRP E 41 -17.16 11.32 3.46
CA TRP E 41 -17.43 12.08 2.24
C TRP E 41 -17.84 11.14 1.12
N TYR E 42 -18.89 11.50 0.38
CA TYR E 42 -19.43 10.68 -0.71
C TYR E 42 -19.42 11.38 -2.05
N GLN E 43 -19.43 10.61 -3.13
CA GLN E 43 -19.54 11.11 -4.50
C GLN E 43 -20.69 10.45 -5.26
N GLN E 44 -21.48 11.24 -6.00
CA GLN E 44 -22.54 10.67 -6.83
C GLN E 44 -22.61 11.27 -8.23
N LYS E 45 -22.80 10.39 -9.22
CA LYS E 45 -22.97 10.79 -10.61
C LYS E 45 -24.42 10.57 -11.03
N PRO E 46 -24.93 11.27 -12.05
CA PRO E 46 -26.25 11.11 -12.60
C PRO E 46 -26.52 9.67 -13.03
N GLY E 47 -27.67 9.14 -12.61
CA GLY E 47 -28.08 7.80 -13.01
C GLY E 47 -27.44 6.69 -12.19
N GLN E 48 -26.62 7.05 -11.21
CA GLN E 48 -25.94 6.03 -10.41
C GLN E 48 -26.10 6.30 -8.91
N PRO E 49 -26.00 5.27 -8.07
CA PRO E 49 -25.92 5.34 -6.63
C PRO E 49 -24.56 5.94 -6.25
N PRO E 50 -24.44 6.50 -5.07
CA PRO E 50 -23.25 7.11 -4.51
C PRO E 50 -22.18 6.09 -4.18
N LYS E 51 -20.95 6.56 -4.09
CA LYS E 51 -19.84 5.75 -3.63
C LYS E 51 -19.06 6.51 -2.54
N LEU E 52 -18.47 5.77 -1.61
CA LEU E 52 -17.73 6.38 -0.53
C LEU E 52 -16.33 6.78 -0.96
N LEU E 53 -15.90 7.99 -0.60
CA LEU E 53 -14.53 8.44 -0.92
C LEU E 53 -13.62 8.47 0.30
N ILE E 54 -14.10 9.05 1.39
CA ILE E 54 -13.30 9.20 2.60
C ILE E 54 -14.08 8.83 3.84
N TYR E 55 -13.45 8.15 4.79
CA TYR E 55 -14.12 7.85 6.03
C TYR E 55 -13.37 8.35 7.28
N THR E 56 -14.13 8.58 8.33
CA THR E 56 -13.60 9.01 9.62
C THR E 56 -12.61 10.18 9.51
N THR E 57 -13.01 11.20 8.73
CA THR E 57 -12.27 12.47 8.57
C THR E 57 -10.98 12.43 7.75
N SER E 58 -10.37 11.26 7.56
CA SER E 58 -9.06 11.29 6.91
C SER E 58 -8.60 9.96 6.33
N ASN E 59 -9.37 8.91 6.53
CA ASN E 59 -8.97 7.61 6.00
C ASN E 59 -9.49 7.43 4.58
N LEU E 60 -8.59 7.53 3.62
CA LEU E 60 -8.96 7.46 2.22
C LEU E 60 -9.48 6.07 1.89
N GLU E 61 -10.60 5.99 1.18
CA GLU E 61 -11.15 4.70 0.79
C GLU E 61 -10.31 4.06 -0.29
N SER E 62 -10.18 2.74 -0.22
CA SER E 62 -9.38 2.01 -1.20
C SER E 62 -9.93 2.18 -2.60
N GLY E 63 -9.05 2.44 -3.55
CA GLY E 63 -9.45 2.62 -4.94
C GLY E 63 -9.62 4.09 -5.31
N ILE E 64 -9.61 4.96 -4.30
CA ILE E 64 -9.74 6.38 -4.50
C ILE E 64 -8.34 7.00 -4.62
N PRO E 65 -8.08 7.82 -5.63
CA PRO E 65 -6.80 8.46 -5.89
C PRO E 65 -6.45 9.45 -4.79
N ALA E 66 -5.14 9.62 -4.58
CA ALA E 66 -4.60 10.47 -3.52
C ALA E 66 -4.90 11.94 -3.72
N ARG E 67 -5.42 12.30 -4.88
CA ARG E 67 -5.78 13.68 -5.16
C ARG E 67 -6.85 14.16 -4.19
N PHE E 68 -7.58 13.21 -3.59
CA PHE E 68 -8.63 13.51 -2.63
C PHE E 68 -8.09 13.44 -1.21
N SER E 69 -7.90 14.61 -0.60
CA SER E 69 -7.33 14.67 0.73
C SER E 69 -8.30 15.25 1.73
N GLY E 70 -8.66 14.46 2.72
CA GLY E 70 -9.61 14.93 3.72
C GLY E 70 -8.90 15.31 5.01
N SER E 71 -9.43 16.31 5.68
CA SER E 71 -8.90 16.73 6.97
C SER E 71 -9.89 17.56 7.75
N GLY E 72 -9.44 18.04 8.91
CA GLY E 72 -10.29 18.82 9.78
C GLY E 72 -10.26 18.27 11.20
N SER E 73 -10.98 18.95 12.08
CA SER E 73 -11.06 18.56 13.49
C SER E 73 -12.23 19.25 14.14
N GLY E 74 -12.64 18.77 15.30
CA GLY E 74 -13.68 19.48 16.03
C GLY E 74 -14.96 19.53 15.21
N THR E 75 -15.39 20.75 14.88
CA THR E 75 -16.61 20.97 14.11
C THR E 75 -16.33 21.47 12.70
N ASP E 76 -15.06 21.48 12.30
CA ASP E 76 -14.66 21.99 10.98
C ASP E 76 -14.05 20.90 10.09
N PHE E 77 -14.74 20.58 8.99
CA PHE E 77 -14.29 19.51 8.10
C PHE E 77 -14.06 20.04 6.68
N THR E 78 -12.95 19.65 6.05
CA THR E 78 -12.66 20.14 4.70
C THR E 78 -12.23 19.04 3.73
N LEU E 79 -12.77 19.09 2.51
CA LEU E 79 -12.37 18.20 1.42
C LEU E 79 -11.54 18.96 0.40
N ASN E 80 -10.30 18.54 0.20
CA ASN E 80 -9.39 19.21 -0.71
C ASN E 80 -9.04 18.33 -1.91
N ILE E 81 -9.38 18.80 -3.11
CA ILE E 81 -9.04 18.08 -4.33
C ILE E 81 -8.00 18.88 -5.09
N HIS E 82 -6.75 18.43 -5.12
CA HIS E 82 -5.71 19.31 -5.66
C HIS E 82 -5.58 19.29 -7.20
N PRO E 83 -5.08 18.22 -7.84
CA PRO E 83 -4.94 18.14 -9.28
C PRO E 83 -6.26 17.83 -9.98
N VAL E 84 -7.18 18.78 -9.96
CA VAL E 84 -8.51 18.55 -10.53
C VAL E 84 -8.43 18.24 -12.01
N GLU E 85 -9.09 17.14 -12.42
CA GLU E 85 -9.11 16.72 -13.82
C GLU E 85 -10.50 16.84 -14.42
N GLU E 86 -10.62 16.53 -15.71
CA GLU E 86 -11.88 16.66 -16.42
C GLU E 86 -12.94 15.66 -15.97
N GLY E 87 -12.51 14.58 -15.32
CA GLY E 87 -13.44 13.55 -14.88
C GLY E 87 -14.06 13.86 -13.53
N ASP E 88 -13.57 14.91 -12.88
CA ASP E 88 -14.06 15.25 -11.56
C ASP E 88 -15.29 16.14 -11.66
N ALA E 89 -16.40 15.53 -12.10
CA ALA E 89 -17.65 16.25 -12.28
C ALA E 89 -18.79 15.47 -11.63
N ALA E 90 -19.03 15.75 -10.35
CA ALA E 90 -19.96 14.99 -9.55
C ALA E 90 -20.46 15.81 -8.37
N THR E 91 -21.47 15.29 -7.67
CA THR E 91 -21.97 15.93 -6.47
C THR E 91 -21.37 15.27 -5.24
N TYR E 92 -20.82 16.08 -4.32
CA TYR E 92 -20.19 15.54 -3.12
C TYR E 92 -21.05 15.77 -1.87
N TYR E 93 -21.09 14.77 -0.99
CA TYR E 93 -21.92 14.81 0.23
C TYR E 93 -21.15 14.52 1.51
N CYS E 94 -21.71 14.96 2.63
CA CYS E 94 -21.18 14.63 3.96
C CYS E 94 -22.12 13.70 4.73
N GLN E 95 -21.55 12.91 5.64
CA GLN E 95 -22.29 12.11 6.61
C GLN E 95 -21.56 12.05 7.95
N GLN E 96 -22.28 12.19 9.06
CA GLN E 96 -21.63 12.21 10.37
C GLN E 96 -21.07 10.86 10.80
N ASN E 97 -21.87 9.82 10.60
CA ASN E 97 -21.47 8.46 10.94
C ASN E 97 -21.06 8.30 12.40
N ASN E 98 -21.78 8.95 13.30
CA ASN E 98 -21.46 8.86 14.72
C ASN E 98 -22.67 8.61 15.63
N GLU E 99 -23.87 8.93 15.16
CA GLU E 99 -25.04 8.90 16.03
C GLU E 99 -26.19 8.13 15.39
N ASP E 100 -27.02 7.52 16.23
CA ASP E 100 -28.16 6.72 15.80
C ASP E 100 -29.05 7.37 14.72
N PRO E 101 -29.46 8.64 14.85
CA PRO E 101 -30.11 9.41 13.81
C PRO E 101 -29.08 9.91 12.83
N TYR E 102 -28.54 9.01 12.02
CA TYR E 102 -27.49 9.35 11.09
C TYR E 102 -28.00 10.37 10.08
N THR E 103 -27.22 11.43 9.83
CA THR E 103 -27.61 12.45 8.88
C THR E 103 -26.58 12.69 7.80
N PHE E 104 -27.04 13.29 6.70
CA PHE E 104 -26.21 13.67 5.57
C PHE E 104 -26.23 15.18 5.34
N GLY E 105 -25.24 15.68 4.62
CA GLY E 105 -25.18 17.09 4.26
C GLY E 105 -26.07 17.38 3.04
N GLY E 106 -26.08 18.62 2.57
CA GLY E 106 -26.96 19.02 1.46
C GLY E 106 -26.45 18.59 0.08
N GLY E 107 -25.14 18.56 -0.09
CA GLY E 107 -24.57 18.21 -1.39
C GLY E 107 -24.06 19.42 -2.15
N THR E 108 -22.80 19.35 -2.60
CA THR E 108 -22.17 20.43 -3.36
C THR E 108 -21.80 19.94 -4.75
N LYS E 109 -22.15 20.72 -5.77
CA LYS E 109 -21.90 20.32 -7.15
C LYS E 109 -20.60 20.90 -7.72
N LEU E 110 -19.76 20.04 -8.28
CA LEU E 110 -18.52 20.51 -8.90
C LEU E 110 -18.62 20.61 -10.42
N GLU E 111 -18.42 21.82 -10.94
CA GLU E 111 -18.42 22.11 -12.38
C GLU E 111 -17.02 22.45 -12.84
N ILE E 112 -16.64 22.03 -14.04
CA ILE E 112 -15.30 22.30 -14.53
C ILE E 112 -15.29 23.36 -15.63
N LYS E 113 -14.38 24.33 -15.48
CA LYS E 113 -14.25 25.40 -16.46
C LYS E 113 -13.51 24.94 -17.72
N ARG E 114 -13.91 25.50 -18.86
CA ARG E 114 -13.28 25.16 -20.14
C ARG E 114 -13.44 26.29 -21.14
N ALA E 115 -12.75 26.20 -22.26
CA ALA E 115 -12.75 27.25 -23.29
C ALA E 115 -14.14 27.48 -23.90
N ASP E 116 -14.45 28.72 -24.21
CA ASP E 116 -15.71 29.09 -24.83
C ASP E 116 -15.91 28.37 -26.16
N ALA E 117 -17.15 27.98 -26.45
CA ALA E 117 -17.45 27.31 -27.71
C ALA E 117 -18.87 27.63 -28.20
N ALA E 118 -18.98 27.89 -29.51
CA ALA E 118 -20.28 28.12 -30.14
C ALA E 118 -21.03 26.81 -30.29
N PRO E 119 -22.36 26.82 -30.21
CA PRO E 119 -23.26 25.70 -30.43
C PRO E 119 -23.39 25.36 -31.90
N THR E 120 -23.61 24.08 -32.17
CA THR E 120 -24.01 23.64 -33.50
C THR E 120 -25.52 23.53 -33.52
N VAL E 121 -26.16 24.23 -34.45
CA VAL E 121 -27.61 24.27 -34.48
C VAL E 121 -28.20 23.47 -35.64
N SER E 122 -29.10 22.56 -35.31
CA SER E 122 -29.75 21.70 -36.31
C SER E 122 -31.25 21.63 -36.11
N ILE E 123 -32.00 21.95 -37.16
CA ILE E 123 -33.46 22.01 -37.07
C ILE E 123 -34.14 20.88 -37.85
N PHE E 124 -35.05 20.19 -37.18
CA PHE E 124 -35.81 19.12 -37.81
C PHE E 124 -37.27 19.51 -37.99
N PRO E 125 -37.84 19.29 -39.20
CA PRO E 125 -39.23 19.49 -39.53
C PRO E 125 -40.05 18.34 -38.93
N PRO E 126 -41.37 18.51 -38.77
CA PRO E 126 -42.32 17.52 -38.30
C PRO E 126 -42.31 16.29 -39.18
N SER E 127 -42.46 15.12 -38.56
CA SER E 127 -42.49 13.85 -39.29
C SER E 127 -43.84 13.62 -39.96
N SER E 128 -43.86 12.73 -40.94
CA SER E 128 -45.08 12.40 -41.64
C SER E 128 -46.06 11.67 -40.74
N GLU E 129 -45.53 10.84 -39.84
CA GLU E 129 -46.39 10.06 -38.96
C GLU E 129 -47.16 10.95 -38.00
N GLN E 130 -46.49 11.97 -37.46
CA GLN E 130 -47.17 12.85 -36.52
C GLN E 130 -48.18 13.73 -37.23
N LEU E 131 -47.81 14.23 -38.41
CA LEU E 131 -48.69 15.10 -39.17
C LEU E 131 -49.93 14.34 -39.61
N THR E 132 -49.76 13.06 -39.97
CA THR E 132 -50.85 12.21 -40.38
C THR E 132 -51.84 11.99 -39.23
N SER E 133 -51.31 11.69 -38.04
CA SER E 133 -52.15 11.48 -36.86
C SER E 133 -52.79 12.79 -36.40
N GLY E 134 -52.06 13.88 -36.60
CA GLY E 134 -52.53 15.21 -36.23
C GLY E 134 -51.57 15.87 -35.24
N GLY E 135 -51.12 17.06 -35.59
CA GLY E 135 -50.19 17.82 -34.75
C GLY E 135 -48.81 17.83 -35.37
N ALA E 136 -47.95 18.70 -34.87
CA ALA E 136 -46.60 18.81 -35.40
C ALA E 136 -45.60 19.14 -34.31
N SER E 137 -44.39 18.62 -34.45
CA SER E 137 -43.33 18.92 -33.50
C SER E 137 -42.05 19.31 -34.21
N VAL E 138 -41.63 20.55 -33.99
CA VAL E 138 -40.42 21.06 -34.62
C VAL E 138 -39.30 21.01 -33.59
N VAL E 139 -38.19 20.37 -33.94
CA VAL E 139 -37.16 20.14 -32.94
C VAL E 139 -35.82 20.80 -33.27
N CYS E 140 -35.35 21.61 -32.34
CA CYS E 140 -34.09 22.33 -32.47
C CYS E 140 -33.01 21.83 -31.52
N PHE E 141 -31.91 21.36 -32.07
CA PHE E 141 -30.82 20.87 -31.24
C PHE E 141 -29.64 21.82 -31.25
N LEU E 142 -29.06 22.04 -30.06
CA LEU E 142 -27.86 22.84 -29.88
C LEU E 142 -26.78 21.97 -29.24
N ASN E 143 -25.73 21.65 -30.00
CA ASN E 143 -24.74 20.70 -29.48
C ASN E 143 -23.39 21.33 -29.15
N ASN E 144 -22.76 20.78 -28.11
CA ASN E 144 -21.38 21.07 -27.70
C ASN E 144 -21.04 22.55 -27.48
N PHE E 145 -21.80 23.22 -26.64
CA PHE E 145 -21.52 24.64 -26.39
C PHE E 145 -21.08 24.91 -24.96
N TYR E 146 -20.43 26.06 -24.78
CA TYR E 146 -19.99 26.52 -23.47
C TYR E 146 -19.74 28.03 -23.47
N PRO E 147 -20.18 28.76 -22.43
CA PRO E 147 -20.93 28.37 -21.24
C PRO E 147 -22.37 27.98 -21.54
N LYS E 148 -23.06 27.50 -20.52
CA LYS E 148 -24.40 26.96 -20.64
C LYS E 148 -25.49 27.99 -20.98
N ASP E 149 -25.20 29.26 -20.77
CA ASP E 149 -26.26 30.26 -20.84
C ASP E 149 -26.58 30.74 -22.26
N ILE E 150 -27.49 30.01 -22.92
CA ILE E 150 -27.93 30.37 -24.28
C ILE E 150 -29.42 30.67 -24.34
N ASN E 151 -29.76 31.78 -25.00
CA ASN E 151 -31.14 32.17 -25.19
C ASN E 151 -31.67 31.68 -26.54
N VAL E 152 -32.59 30.72 -26.51
CA VAL E 152 -33.12 30.15 -27.75
C VAL E 152 -34.53 30.66 -28.02
N LYS E 153 -34.71 31.25 -29.20
CA LYS E 153 -35.99 31.83 -29.58
C LYS E 153 -36.61 31.12 -30.78
N TRP E 154 -37.93 31.19 -30.86
CA TRP E 154 -38.68 30.61 -31.97
C TRP E 154 -39.50 31.65 -32.68
N LYS E 155 -39.62 31.55 -34.01
CA LYS E 155 -40.44 32.46 -34.80
C LYS E 155 -41.32 31.76 -35.82
N ILE E 156 -42.55 32.22 -35.95
CA ILE E 156 -43.49 31.74 -36.97
C ILE E 156 -43.73 32.84 -37.99
N ASP E 157 -43.31 32.61 -39.23
CA ASP E 157 -43.39 33.63 -40.27
C ASP E 157 -42.78 34.95 -39.81
N GLY E 158 -41.68 34.86 -39.07
CA GLY E 158 -40.96 36.03 -38.58
C GLY E 158 -41.46 36.55 -37.22
N SER E 159 -42.58 36.02 -36.73
CA SER E 159 -43.16 36.49 -35.47
C SER E 159 -42.79 35.58 -34.29
N GLU E 160 -42.12 36.15 -33.30
CA GLU E 160 -41.65 35.37 -32.16
C GLU E 160 -42.79 34.66 -31.44
N ARG E 161 -42.61 33.37 -31.20
CA ARG E 161 -43.60 32.54 -30.50
C ARG E 161 -42.98 31.76 -29.35
N GLN E 162 -43.16 32.27 -28.14
CA GLN E 162 -42.60 31.62 -26.95
C GLN E 162 -43.49 30.49 -26.46
N ASN E 163 -44.68 30.40 -27.02
CA ASN E 163 -45.69 29.46 -26.57
C ASN E 163 -45.48 28.06 -27.16
N GLY E 164 -45.66 27.05 -26.31
CA GLY E 164 -45.58 25.66 -26.76
C GLY E 164 -44.15 25.17 -26.90
N VAL E 165 -43.22 25.77 -26.17
CA VAL E 165 -41.82 25.39 -26.30
C VAL E 165 -41.29 24.70 -25.03
N LEU E 166 -40.75 23.51 -25.22
CA LEU E 166 -40.17 22.75 -24.12
C LEU E 166 -38.65 22.80 -24.21
N ASN E 167 -37.98 22.86 -23.06
CA ASN E 167 -36.52 22.93 -23.05
C ASN E 167 -35.86 21.93 -22.11
N SER E 168 -35.10 21.01 -22.67
CA SER E 168 -34.40 20.03 -21.84
C SER E 168 -32.89 20.19 -21.96
N TRP E 169 -32.23 20.24 -20.81
CA TRP E 169 -30.79 20.46 -20.73
C TRP E 169 -30.04 19.20 -20.33
N THR E 170 -28.86 18.99 -20.89
CA THR E 170 -28.04 17.86 -20.48
C THR E 170 -27.11 18.26 -19.35
N ASP E 171 -26.49 17.26 -18.73
CA ASP E 171 -25.48 17.51 -17.73
C ASP E 171 -24.16 17.79 -18.41
N GLN E 172 -23.25 18.49 -17.74
CA GLN E 172 -21.96 18.76 -18.36
C GLN E 172 -21.29 17.45 -18.72
N ASP E 173 -20.80 17.36 -19.96
CA ASP E 173 -20.17 16.16 -20.48
C ASP E 173 -18.94 15.77 -19.67
N SER E 174 -18.72 14.47 -19.52
CA SER E 174 -17.60 13.96 -18.74
C SER E 174 -16.28 13.92 -19.50
N LYS E 175 -16.30 14.18 -20.81
CA LYS E 175 -15.08 14.13 -21.60
C LYS E 175 -14.72 15.48 -22.20
N ASP E 176 -15.69 16.13 -22.84
CA ASP E 176 -15.42 17.41 -23.50
C ASP E 176 -15.82 18.60 -22.64
N SER E 177 -16.44 18.31 -21.50
CA SER E 177 -16.93 19.32 -20.57
C SER E 177 -17.86 20.34 -21.23
N THR E 178 -18.70 19.88 -22.16
CA THR E 178 -19.63 20.76 -22.87
C THR E 178 -21.08 20.51 -22.49
N TYR E 179 -21.96 21.41 -22.92
CA TYR E 179 -23.39 21.29 -22.70
C TYR E 179 -24.14 21.10 -24.01
N SER E 180 -25.29 20.44 -23.94
CA SER E 180 -26.19 20.33 -25.08
C SER E 180 -27.59 20.73 -24.66
N MET E 181 -28.39 21.19 -25.62
CA MET E 181 -29.77 21.58 -25.34
C MET E 181 -30.72 21.13 -26.43
N SER E 182 -31.94 20.76 -26.03
CA SER E 182 -32.96 20.36 -26.99
C SER E 182 -34.26 21.14 -26.77
N SER E 183 -34.64 21.91 -27.78
CA SER E 183 -35.83 22.77 -27.72
C SER E 183 -36.91 22.26 -28.68
N THR E 184 -38.09 21.99 -28.15
CA THR E 184 -39.16 21.44 -28.97
C THR E 184 -40.40 22.33 -29.00
N LEU E 185 -40.89 22.63 -30.19
CA LEU E 185 -42.10 23.43 -30.36
C LEU E 185 -43.29 22.56 -30.77
N THR E 186 -44.34 22.55 -29.95
CA THR E 186 -45.52 21.73 -30.22
C THR E 186 -46.63 22.57 -30.84
N LEU E 187 -47.08 22.15 -32.02
CA LEU E 187 -48.14 22.83 -32.75
C LEU E 187 -49.33 21.91 -32.98
N THR E 188 -50.50 22.50 -33.15
CA THR E 188 -51.70 21.76 -33.46
C THR E 188 -51.71 21.38 -34.93
N LYS E 189 -52.66 20.54 -35.33
CA LYS E 189 -52.73 20.12 -36.72
C LYS E 189 -53.26 21.21 -37.64
N ASP E 190 -54.10 22.08 -37.09
CA ASP E 190 -54.76 23.09 -37.92
C ASP E 190 -53.94 24.37 -38.03
N GLU E 191 -53.15 24.67 -37.00
CA GLU E 191 -52.37 25.90 -37.00
C GLU E 191 -51.00 25.71 -37.63
N TYR E 192 -50.72 24.49 -38.06
CA TYR E 192 -49.44 24.18 -38.70
C TYR E 192 -49.47 24.50 -40.20
N GLU E 193 -50.53 24.09 -40.87
CA GLU E 193 -50.61 24.26 -42.32
C GLU E 193 -50.86 25.71 -42.73
N ARG E 194 -51.23 26.55 -41.77
CA ARG E 194 -51.51 27.94 -42.09
C ARG E 194 -50.24 28.79 -42.03
N HIS E 195 -49.13 28.20 -41.60
CA HIS E 195 -47.85 28.91 -41.52
C HIS E 195 -46.77 28.12 -42.24
N ASN E 196 -46.05 28.78 -43.13
CA ASN E 196 -45.07 28.08 -43.94
C ASN E 196 -43.61 28.26 -43.49
N SER E 197 -43.30 29.39 -42.88
CA SER E 197 -41.90 29.69 -42.52
C SER E 197 -41.60 29.47 -41.04
N TYR E 198 -40.69 28.55 -40.74
CA TYR E 198 -40.34 28.23 -39.37
C TYR E 198 -38.87 28.53 -39.08
N THR E 199 -38.62 29.41 -38.10
CA THR E 199 -37.27 29.84 -37.79
C THR E 199 -36.90 29.66 -36.31
N CYS E 200 -35.66 29.22 -36.08
CA CYS E 200 -35.11 29.09 -34.74
C CYS E 200 -33.84 29.93 -34.61
N GLU E 201 -33.68 30.61 -33.48
CA GLU E 201 -32.50 31.45 -33.29
C GLU E 201 -31.79 31.19 -31.97
N ALA E 202 -30.48 31.03 -32.01
CA ALA E 202 -29.71 30.78 -30.80
C ALA E 202 -28.71 31.90 -30.52
N THR E 203 -28.93 32.61 -29.41
CA THR E 203 -28.05 33.71 -29.03
C THR E 203 -27.09 33.29 -27.93
N HIS E 204 -25.79 33.32 -28.25
CA HIS E 204 -24.76 32.86 -27.33
C HIS E 204 -23.82 33.98 -26.91
N LYS E 205 -23.15 33.76 -25.78
CA LYS E 205 -22.26 34.74 -25.17
C LYS E 205 -20.95 34.91 -25.93
N THR E 206 -20.75 34.11 -26.97
CA THR E 206 -19.52 34.14 -27.74
C THR E 206 -19.68 34.88 -29.07
N SER E 207 -20.86 35.45 -29.31
CA SER E 207 -21.09 36.12 -30.59
C SER E 207 -22.05 37.29 -30.50
N THR E 208 -21.87 38.26 -31.39
CA THR E 208 -22.76 39.40 -31.51
C THR E 208 -23.76 39.17 -32.64
N SER E 209 -23.68 37.99 -33.23
CA SER E 209 -24.52 37.59 -34.35
C SER E 209 -25.07 36.18 -34.11
N PRO E 210 -26.30 36.07 -33.58
CA PRO E 210 -26.98 34.84 -33.23
C PRO E 210 -27.08 33.89 -34.42
N ILE E 211 -27.02 32.59 -34.15
CA ILE E 211 -27.14 31.60 -35.20
C ILE E 211 -28.59 31.40 -35.58
N VAL E 212 -28.88 31.54 -36.86
CA VAL E 212 -30.26 31.43 -37.32
C VAL E 212 -30.41 30.29 -38.31
N LYS E 213 -31.35 29.39 -38.02
CA LYS E 213 -31.64 28.26 -38.89
C LYS E 213 -33.15 28.20 -39.14
N SER E 214 -33.53 27.81 -40.35
CA SER E 214 -34.95 27.76 -40.69
C SER E 214 -35.26 26.78 -41.80
N PHE E 215 -36.55 26.50 -41.97
CA PHE E 215 -37.04 25.67 -43.06
C PHE E 215 -38.44 26.11 -43.47
N ASN E 216 -38.88 25.69 -44.64
CA ASN E 216 -40.22 25.98 -45.09
C ASN E 216 -41.05 24.70 -45.18
N ARG E 217 -42.32 24.82 -44.84
CA ARG E 217 -43.24 23.68 -44.85
C ARG E 217 -43.32 23.00 -46.21
N ASN E 218 -43.12 23.76 -47.28
CA ASN E 218 -43.26 23.22 -48.63
C ASN E 218 -41.96 22.69 -49.21
N GLU E 219 -40.91 22.65 -48.40
CA GLU E 219 -39.61 22.13 -48.84
C GLU E 219 -39.43 20.61 -48.65
N CYS E 220 -40.18 19.99 -47.73
CA CYS E 220 -40.09 18.56 -47.42
C CYS E 220 -41.48 18.01 -47.11
N GLU F 1 -18.08 -8.95 -7.87
CA GLU F 1 -17.96 -9.90 -6.78
C GLU F 1 -19.25 -9.94 -5.96
N VAL F 2 -19.55 -8.83 -5.27
CA VAL F 2 -20.75 -8.69 -4.44
C VAL F 2 -21.86 -7.98 -5.19
N GLN F 3 -23.04 -8.58 -5.21
CA GLN F 3 -24.16 -7.99 -5.94
C GLN F 3 -25.34 -7.68 -5.03
N LEU F 4 -26.13 -6.68 -5.42
CA LEU F 4 -27.38 -6.33 -4.74
C LEU F 4 -28.48 -6.05 -5.77
N GLN F 5 -28.97 -7.11 -6.39
CA GLN F 5 -29.92 -7.02 -7.50
C GLN F 5 -31.29 -6.56 -7.05
N GLN F 6 -31.83 -5.57 -7.75
CA GLN F 6 -33.15 -5.02 -7.43
C GLN F 6 -34.27 -5.67 -8.23
N SER F 7 -35.49 -5.57 -7.71
CA SER F 7 -36.68 -6.13 -8.34
C SER F 7 -37.19 -5.33 -9.53
N GLY F 8 -36.77 -4.08 -9.66
CA GLY F 8 -37.25 -3.23 -10.75
C GLY F 8 -38.39 -2.33 -10.30
N PRO F 9 -38.81 -1.40 -11.17
CA PRO F 9 -39.76 -0.33 -10.93
C PRO F 9 -41.20 -0.81 -10.77
N GLU F 10 -41.99 -0.05 -10.03
CA GLU F 10 -43.43 -0.32 -9.89
C GLU F 10 -44.24 0.96 -9.61
N LEU F 11 -45.50 0.96 -10.02
CA LEU F 11 -46.41 2.09 -9.84
C LEU F 11 -47.64 1.76 -9.01
N VAL F 12 -47.89 2.54 -7.95
CA VAL F 12 -49.05 2.33 -7.09
C VAL F 12 -49.83 3.61 -6.80
N LYS F 13 -51.07 3.43 -6.33
CA LYS F 13 -51.89 4.55 -5.90
C LYS F 13 -51.62 4.91 -4.43
N PRO F 14 -51.92 6.13 -3.99
CA PRO F 14 -51.82 6.58 -2.62
C PRO F 14 -52.58 5.66 -1.66
N GLY F 15 -51.92 5.33 -0.55
CA GLY F 15 -52.47 4.45 0.47
C GLY F 15 -52.03 3.01 0.27
N ALA F 16 -51.43 2.73 -0.88
CA ALA F 16 -50.97 1.39 -1.23
C ALA F 16 -49.72 0.98 -0.49
N SER F 17 -49.47 -0.33 -0.48
CA SER F 17 -48.26 -0.88 0.09
C SER F 17 -47.54 -1.75 -0.93
N MET F 18 -46.24 -1.92 -0.74
CA MET F 18 -45.43 -2.77 -1.62
C MET F 18 -44.25 -3.36 -0.89
N LYS F 19 -43.63 -4.37 -1.50
CA LYS F 19 -42.41 -4.93 -0.96
C LYS F 19 -41.26 -4.81 -1.95
N ILE F 20 -40.18 -4.19 -1.51
CA ILE F 20 -38.97 -4.04 -2.31
C ILE F 20 -38.06 -5.22 -2.04
N SER F 21 -37.80 -6.02 -3.06
CA SER F 21 -37.03 -7.24 -2.87
C SER F 21 -35.62 -7.12 -3.43
N CYS F 22 -34.64 -7.23 -2.55
CA CYS F 22 -33.25 -7.17 -2.93
C CYS F 22 -32.58 -8.53 -2.82
N LYS F 23 -31.99 -8.99 -3.91
CA LYS F 23 -31.33 -10.29 -3.91
C LYS F 23 -29.83 -10.12 -3.98
N THR F 24 -29.11 -10.78 -3.08
CA THR F 24 -27.67 -10.62 -3.08
C THR F 24 -26.96 -11.89 -3.47
N SER F 25 -25.66 -11.77 -3.71
CA SER F 25 -24.82 -12.91 -4.03
C SER F 25 -23.35 -12.56 -3.85
N GLY F 26 -22.50 -13.59 -3.87
CA GLY F 26 -21.05 -13.38 -3.85
C GLY F 26 -20.43 -13.56 -2.47
N TYR F 27 -21.26 -13.62 -1.43
CA TYR F 27 -20.76 -13.80 -0.07
C TYR F 27 -21.81 -14.49 0.77
N SER F 28 -21.42 -15.02 1.93
CA SER F 28 -22.38 -15.64 2.82
C SER F 28 -23.44 -14.62 3.18
N PHE F 29 -24.70 -15.01 3.10
CA PHE F 29 -25.76 -14.03 3.29
C PHE F 29 -25.70 -13.30 4.62
N THR F 30 -25.51 -14.03 5.72
CA THR F 30 -25.45 -13.39 7.04
C THR F 30 -24.03 -12.99 7.38
N GLY F 31 -23.88 -12.18 8.44
CA GLY F 31 -22.56 -11.75 8.88
C GLY F 31 -22.29 -10.28 8.58
N TYR F 32 -23.10 -9.70 7.71
CA TYR F 32 -22.98 -8.29 7.36
C TYR F 32 -24.30 -7.60 7.62
N THR F 33 -24.27 -6.34 8.04
CA THR F 33 -25.54 -5.63 8.25
C THR F 33 -26.14 -5.15 6.94
N MET F 34 -27.40 -4.74 7.01
CA MET F 34 -28.09 -4.18 5.85
C MET F 34 -28.63 -2.79 6.18
N ASN F 35 -28.47 -1.85 5.25
CA ASN F 35 -28.97 -0.49 5.43
C ASN F 35 -29.82 -0.06 4.24
N TRP F 36 -30.82 0.77 4.51
CA TRP F 36 -31.69 1.28 3.45
C TRP F 36 -31.62 2.81 3.29
N VAL F 37 -31.70 3.27 2.03
CA VAL F 37 -31.73 4.70 1.73
C VAL F 37 -32.90 5.05 0.83
N LYS F 38 -33.35 6.31 0.89
CA LYS F 38 -34.52 6.75 0.11
C LYS F 38 -34.20 7.59 -1.12
N GLN F 39 -33.22 8.48 -1.01
CA GLN F 39 -32.92 9.44 -2.07
C GLN F 39 -34.20 9.96 -2.74
N SER F 40 -34.87 10.88 -2.05
CA SER F 40 -36.13 11.46 -2.51
C SER F 40 -35.90 12.37 -3.70
N HIS F 41 -36.98 12.86 -4.29
CA HIS F 41 -36.85 13.73 -5.45
C HIS F 41 -35.82 14.82 -5.19
N GLY F 42 -34.90 14.97 -6.14
CA GLY F 42 -33.79 15.90 -5.98
C GLY F 42 -32.54 15.10 -5.65
N LYS F 43 -31.57 15.73 -5.01
CA LYS F 43 -30.31 15.05 -4.76
C LYS F 43 -29.94 15.06 -3.28
N ASN F 44 -30.70 14.35 -2.47
CA ASN F 44 -30.50 14.34 -1.02
C ASN F 44 -30.47 12.93 -0.45
N LEU F 45 -29.33 12.52 0.08
CA LEU F 45 -29.20 11.19 0.66
C LEU F 45 -29.83 11.18 2.06
N GLU F 46 -30.35 10.04 2.48
CA GLU F 46 -31.01 9.91 3.77
C GLU F 46 -30.91 8.48 4.32
N TRP F 47 -31.01 8.34 5.64
CA TRP F 47 -30.92 7.04 6.30
C TRP F 47 -32.29 6.58 6.82
N ILE F 48 -32.72 5.40 6.39
CA ILE F 48 -34.02 4.86 6.82
C ILE F 48 -33.90 3.95 8.02
N GLY F 49 -32.94 3.04 8.00
CA GLY F 49 -32.79 2.08 9.09
C GLY F 49 -31.72 1.03 8.83
N LEU F 50 -31.40 0.27 9.87
CA LEU F 50 -30.41 -0.81 9.83
C LEU F 50 -30.96 -2.08 10.45
N ILE F 51 -30.66 -3.21 9.82
CA ILE F 51 -31.04 -4.49 10.42
C ILE F 51 -29.89 -5.50 10.40
N ASN F 52 -29.97 -6.52 11.25
CA ASN F 52 -29.00 -7.60 11.23
C ASN F 52 -29.64 -8.90 10.73
N PRO F 53 -29.32 -9.35 9.52
CA PRO F 53 -29.98 -10.45 8.83
C PRO F 53 -29.79 -11.78 9.54
N TYR F 54 -28.84 -11.82 10.46
CA TYR F 54 -28.55 -13.03 11.23
C TYR F 54 -29.61 -13.30 12.29
N ASN F 55 -30.11 -12.25 12.93
CA ASN F 55 -30.97 -12.45 14.08
C ASN F 55 -32.06 -11.38 14.32
N GLY F 56 -32.16 -10.38 13.45
CA GLY F 56 -33.16 -9.33 13.61
C GLY F 56 -32.54 -8.08 14.25
N ASP F 57 -32.94 -7.77 15.48
CA ASP F 57 -32.37 -6.65 16.20
C ASP F 57 -32.33 -5.39 15.34
N THR F 58 -33.51 -4.94 14.91
CA THR F 58 -33.59 -3.82 13.99
C THR F 58 -33.45 -2.47 14.70
N SER F 59 -33.11 -1.44 13.94
CA SER F 59 -33.05 -0.08 14.48
C SER F 59 -33.50 0.96 13.45
N TYR F 60 -34.39 1.85 13.89
CA TYR F 60 -35.00 2.89 13.05
C TYR F 60 -34.74 4.26 13.63
N ASN F 61 -34.83 5.30 12.79
CA ASN F 61 -34.81 6.64 13.34
C ASN F 61 -36.24 7.00 13.76
N GLN F 62 -36.44 8.19 14.31
CA GLN F 62 -37.74 8.58 14.84
C GLN F 62 -38.71 9.15 13.81
N LYS F 63 -38.28 9.29 12.55
CA LYS F 63 -39.14 9.88 11.53
C LYS F 63 -39.76 8.84 10.61
N PHE F 64 -39.02 7.77 10.36
CA PHE F 64 -39.51 6.72 9.47
C PHE F 64 -40.17 5.58 10.22
N LYS F 65 -40.21 5.67 11.54
CA LYS F 65 -40.82 4.62 12.32
C LYS F 65 -42.30 4.54 12.00
N GLY F 66 -42.77 3.33 11.72
CA GLY F 66 -44.18 3.11 11.42
C GLY F 66 -44.49 3.26 9.94
N LYS F 67 -43.50 3.71 9.17
CA LYS F 67 -43.70 3.91 7.74
C LYS F 67 -43.10 2.76 6.93
N ALA F 68 -42.32 1.92 7.60
CA ALA F 68 -41.69 0.81 6.91
C ALA F 68 -41.38 -0.34 7.86
N THR F 69 -41.38 -1.53 7.30
CA THR F 69 -40.94 -2.73 8.03
C THR F 69 -39.80 -3.41 7.28
N LEU F 70 -38.71 -3.65 7.99
CA LEU F 70 -37.55 -4.26 7.36
C LEU F 70 -37.40 -5.72 7.81
N THR F 71 -37.37 -6.64 6.85
CA THR F 71 -37.27 -8.05 7.17
C THR F 71 -36.31 -8.80 6.26
N VAL F 72 -36.15 -10.10 6.54
CA VAL F 72 -35.19 -10.96 5.85
C VAL F 72 -35.68 -12.37 5.56
N ASP F 73 -35.27 -12.93 4.43
CA ASP F 73 -35.52 -14.34 4.12
C ASP F 73 -34.21 -15.07 3.80
N LYS F 74 -33.73 -15.83 4.78
CA LYS F 74 -32.43 -16.49 4.71
C LYS F 74 -32.36 -17.59 3.66
N SER F 75 -33.52 -18.05 3.19
CA SER F 75 -33.56 -19.17 2.27
C SER F 75 -33.26 -18.76 0.83
N SER F 76 -33.44 -17.48 0.52
CA SER F 76 -33.25 -17.00 -0.85
C SER F 76 -32.15 -15.95 -0.94
N SER F 77 -31.47 -15.70 0.17
CA SER F 77 -30.46 -14.65 0.27
C SER F 77 -31.05 -13.30 -0.12
N THR F 78 -32.21 -12.97 0.44
CA THR F 78 -32.86 -11.70 0.12
C THR F 78 -33.18 -10.87 1.36
N ALA F 79 -33.45 -9.59 1.13
CA ALA F 79 -33.92 -8.68 2.16
C ALA F 79 -35.06 -7.86 1.61
N TYR F 80 -36.01 -7.50 2.48
CA TYR F 80 -37.19 -6.81 2.01
C TYR F 80 -37.50 -5.53 2.78
N MET F 81 -38.05 -4.57 2.08
CA MET F 81 -38.64 -3.41 2.73
C MET F 81 -40.10 -3.30 2.39
N GLU F 82 -40.94 -3.29 3.40
CA GLU F 82 -42.37 -3.16 3.17
C GLU F 82 -42.79 -1.71 3.35
N LEU F 83 -43.34 -1.14 2.30
CA LEU F 83 -43.75 0.25 2.28
C LEU F 83 -45.18 0.37 2.74
N LEU F 84 -45.42 1.19 3.77
CA LEU F 84 -46.77 1.31 4.33
C LEU F 84 -47.41 2.65 4.04
N SER F 85 -48.69 2.62 3.66
CA SER F 85 -49.49 3.83 3.46
C SER F 85 -48.79 4.87 2.60
N LEU F 86 -48.35 4.46 1.41
CA LEU F 86 -47.58 5.33 0.54
C LEU F 86 -48.32 6.60 0.12
N THR F 87 -47.62 7.72 0.16
CA THR F 87 -48.17 9.01 -0.26
C THR F 87 -47.34 9.68 -1.35
N SER F 88 -47.72 10.89 -1.71
CA SER F 88 -47.08 11.61 -2.81
C SER F 88 -45.63 11.98 -2.54
N GLU F 89 -45.23 11.99 -1.27
CA GLU F 89 -43.87 12.32 -0.88
C GLU F 89 -42.99 11.10 -0.76
N ASP F 90 -43.55 9.92 -1.06
CA ASP F 90 -42.80 8.69 -0.96
C ASP F 90 -42.17 8.24 -2.28
N SER F 91 -42.52 8.92 -3.38
CA SER F 91 -41.91 8.56 -4.64
C SER F 91 -40.42 8.83 -4.54
N ALA F 92 -39.61 7.83 -4.87
CA ALA F 92 -38.18 7.96 -4.69
C ALA F 92 -37.44 6.77 -5.29
N VAL F 93 -36.12 6.84 -5.27
CA VAL F 93 -35.31 5.71 -5.70
C VAL F 93 -34.73 5.01 -4.48
N TYR F 94 -35.28 3.84 -4.15
CA TYR F 94 -34.89 3.14 -2.94
C TYR F 94 -33.87 2.07 -3.26
N TYR F 95 -32.91 1.88 -2.38
CA TYR F 95 -31.97 0.80 -2.60
C TYR F 95 -31.20 0.38 -1.36
N CYS F 96 -30.61 -0.80 -1.45
CA CYS F 96 -29.87 -1.40 -0.36
C CYS F 96 -28.38 -1.12 -0.42
N GLU F 97 -27.76 -1.06 0.75
CA GLU F 97 -26.32 -0.96 0.86
C GLU F 97 -25.84 -1.79 2.04
N VAL F 98 -24.57 -2.21 2.03
CA VAL F 98 -24.09 -3.08 3.10
C VAL F 98 -23.15 -2.37 4.09
N ILE F 99 -21.95 -2.00 3.65
CA ILE F 99 -20.99 -1.31 4.52
C ILE F 99 -20.41 -0.05 3.87
N ASN F 100 -21.31 0.82 3.42
CA ASN F 100 -20.94 2.09 2.82
C ASN F 100 -19.97 1.87 1.67
N THR F 101 -20.15 0.78 0.97
CA THR F 101 -19.24 0.42 -0.10
C THR F 101 -20.00 -0.11 -1.30
N TYR F 102 -20.88 -1.08 -1.06
CA TYR F 102 -21.65 -1.72 -2.12
C TYR F 102 -23.10 -1.26 -2.07
N TRP F 103 -23.63 -0.87 -3.23
CA TRP F 103 -25.01 -0.40 -3.36
C TRP F 103 -25.78 -1.15 -4.43
N GLY F 104 -27.09 -1.24 -4.24
CA GLY F 104 -27.97 -1.80 -5.27
C GLY F 104 -28.13 -0.79 -6.40
N GLN F 105 -28.83 -1.19 -7.45
CA GLN F 105 -28.91 -0.34 -8.63
C GLN F 105 -30.07 0.65 -8.59
N GLY F 106 -31.02 0.45 -7.68
CA GLY F 106 -32.14 1.36 -7.55
C GLY F 106 -33.49 0.79 -7.97
N THR F 107 -34.45 0.84 -7.06
CA THR F 107 -35.82 0.43 -7.32
C THR F 107 -36.69 1.67 -7.37
N LEU F 108 -37.25 1.97 -8.53
CA LEU F 108 -38.04 3.18 -8.65
C LEU F 108 -39.47 2.98 -8.22
N VAL F 109 -39.86 3.73 -7.20
CA VAL F 109 -41.20 3.66 -6.65
C VAL F 109 -41.98 4.91 -6.98
N THR F 110 -43.07 4.74 -7.74
CA THR F 110 -43.90 5.88 -8.10
C THR F 110 -45.26 5.77 -7.44
N VAL F 111 -45.66 6.82 -6.73
CA VAL F 111 -46.97 6.82 -6.08
C VAL F 111 -47.89 7.84 -6.73
N SER F 112 -48.84 7.36 -7.53
CA SER F 112 -49.73 8.23 -8.29
C SER F 112 -50.90 7.49 -8.89
N ALA F 113 -52.07 8.13 -8.92
CA ALA F 113 -53.23 7.56 -9.57
C ALA F 113 -53.18 7.88 -11.07
N ALA F 114 -52.25 7.25 -11.76
CA ALA F 114 -51.98 7.54 -13.16
C ALA F 114 -51.99 6.26 -13.99
N LYS F 115 -52.27 6.42 -15.28
CA LYS F 115 -52.31 5.28 -16.18
C LYS F 115 -51.00 5.08 -16.93
N THR F 116 -50.57 3.82 -17.01
CA THR F 116 -49.39 3.46 -17.79
C THR F 116 -49.72 3.54 -19.27
N THR F 117 -48.87 4.24 -20.03
CA THR F 117 -49.09 4.36 -21.47
C THR F 117 -47.81 4.05 -22.23
N PRO F 118 -47.91 3.44 -23.42
CA PRO F 118 -46.83 3.14 -24.32
C PRO F 118 -46.37 4.42 -25.02
N PRO F 119 -45.12 4.46 -25.47
CA PRO F 119 -44.51 5.52 -26.26
C PRO F 119 -45.00 5.54 -27.70
N SER F 120 -45.04 6.73 -28.28
CA SER F 120 -45.25 6.91 -29.71
C SER F 120 -43.92 7.34 -30.32
N VAL F 121 -43.44 6.57 -31.28
CA VAL F 121 -42.12 6.83 -31.84
C VAL F 121 -42.21 7.58 -33.16
N TYR F 122 -41.59 8.76 -33.20
CA TYR F 122 -41.58 9.64 -34.37
C TYR F 122 -40.15 10.01 -34.77
N PRO F 123 -39.47 9.17 -35.54
CA PRO F 123 -38.07 9.31 -35.94
C PRO F 123 -37.88 10.62 -36.70
N LEU F 124 -36.72 11.25 -36.50
CA LEU F 124 -36.41 12.52 -37.12
C LEU F 124 -35.33 12.37 -38.19
N ALA F 125 -35.49 13.09 -39.29
CA ALA F 125 -34.49 13.08 -40.35
C ALA F 125 -34.37 14.48 -40.97
N PRO F 126 -33.18 14.86 -41.42
CA PRO F 126 -32.84 16.15 -42.01
C PRO F 126 -33.34 16.25 -43.44
N GLY F 127 -34.65 16.15 -43.62
CA GLY F 127 -35.23 16.21 -44.94
C GLY F 127 -35.00 17.58 -45.56
N SER F 128 -34.57 17.58 -46.82
CA SER F 128 -34.30 18.79 -47.57
C SER F 128 -33.37 19.75 -46.83
N ALA F 129 -32.49 19.20 -45.99
CA ALA F 129 -31.51 20.01 -45.26
C ALA F 129 -30.50 20.60 -46.23
N ALA F 130 -30.24 19.89 -47.33
CA ALA F 130 -29.31 20.35 -48.36
C ALA F 130 -27.96 20.74 -47.78
N GLN F 131 -27.41 19.89 -46.93
CA GLN F 131 -26.13 20.17 -46.30
C GLN F 131 -24.99 19.62 -47.13
N THR F 132 -23.87 20.33 -47.13
CA THR F 132 -22.68 19.93 -47.89
C THR F 132 -21.50 19.60 -46.98
N ASN F 133 -21.74 19.61 -45.67
CA ASN F 133 -20.69 19.33 -44.71
C ASN F 133 -20.54 17.84 -44.49
N SER F 134 -19.38 17.43 -43.97
CA SER F 134 -19.10 16.03 -43.72
C SER F 134 -19.70 15.57 -42.39
N MET F 135 -21.01 15.73 -42.26
CA MET F 135 -21.73 15.31 -41.06
C MET F 135 -23.24 15.36 -41.30
N VAL F 136 -23.94 14.37 -40.77
CA VAL F 136 -25.39 14.36 -40.82
C VAL F 136 -25.97 14.04 -39.45
N THR F 137 -26.94 14.84 -39.02
CA THR F 137 -27.55 14.64 -37.72
C THR F 137 -28.96 14.08 -37.87
N LEU F 138 -29.22 12.98 -37.18
CA LEU F 138 -30.52 12.33 -37.17
C LEU F 138 -30.95 12.07 -35.74
N GLY F 139 -32.23 11.86 -35.51
CA GLY F 139 -32.67 11.66 -34.13
C GLY F 139 -34.05 11.02 -34.04
N CYS F 140 -34.64 11.04 -32.87
CA CYS F 140 -35.95 10.44 -32.67
C CYS F 140 -36.70 11.03 -31.51
N LEU F 141 -37.96 11.35 -31.75
CA LEU F 141 -38.83 11.87 -30.70
C LEU F 141 -39.72 10.77 -30.15
N VAL F 142 -39.61 10.51 -28.84
CA VAL F 142 -40.41 9.47 -28.21
C VAL F 142 -41.39 10.10 -27.23
N LYS F 143 -42.67 10.07 -27.56
CA LYS F 143 -43.63 10.87 -26.82
C LYS F 143 -44.80 10.08 -26.24
N GLY F 144 -45.33 10.57 -25.11
CA GLY F 144 -46.57 10.06 -24.53
C GLY F 144 -46.42 8.81 -23.66
N TYR F 145 -45.24 8.59 -23.09
CA TYR F 145 -45.07 7.39 -22.27
C TYR F 145 -45.14 7.69 -20.79
N PHE F 146 -45.55 6.71 -20.01
CA PHE F 146 -45.61 6.84 -18.56
C PHE F 146 -45.72 5.46 -17.92
N PRO F 147 -45.04 5.23 -16.80
CA PRO F 147 -44.06 6.02 -16.07
C PRO F 147 -42.66 5.87 -16.61
N GLU F 148 -41.72 6.56 -15.98
CA GLU F 148 -40.30 6.37 -16.23
C GLU F 148 -39.86 5.02 -15.67
N PRO F 149 -38.74 4.47 -16.14
CA PRO F 149 -37.88 4.89 -17.24
C PRO F 149 -38.34 4.41 -18.60
N VAL F 150 -37.79 5.02 -19.64
CA VAL F 150 -37.85 4.45 -20.98
C VAL F 150 -36.42 4.35 -21.48
N THR F 151 -36.08 3.25 -22.13
CA THR F 151 -34.74 3.11 -22.65
C THR F 151 -34.73 3.36 -24.14
N VAL F 152 -33.92 4.31 -24.58
CA VAL F 152 -33.80 4.59 -25.99
C VAL F 152 -32.36 4.56 -26.44
N THR F 153 -32.05 3.69 -27.38
CA THR F 153 -30.70 3.54 -27.91
C THR F 153 -30.73 3.42 -29.41
N TRP F 154 -29.56 3.38 -30.03
CA TRP F 154 -29.50 3.27 -31.48
C TRP F 154 -28.82 1.98 -31.93
N ASN F 155 -29.34 1.39 -33.01
CA ASN F 155 -28.78 0.17 -33.59
C ASN F 155 -28.59 -0.90 -32.51
N SER F 156 -29.59 -1.04 -31.66
CA SER F 156 -29.60 -2.02 -30.57
C SER F 156 -28.40 -1.91 -29.64
N GLY F 157 -27.91 -0.69 -29.42
CA GLY F 157 -26.79 -0.47 -28.51
C GLY F 157 -25.46 -0.37 -29.24
N SER F 158 -25.46 -0.71 -30.52
CA SER F 158 -24.26 -0.63 -31.33
C SER F 158 -23.79 0.81 -31.51
N LEU F 159 -24.75 1.72 -31.70
CA LEU F 159 -24.43 3.13 -31.91
C LEU F 159 -24.63 3.93 -30.62
N SER F 160 -23.50 4.36 -30.04
CA SER F 160 -23.51 5.08 -28.78
C SER F 160 -22.69 6.35 -28.87
N SER F 161 -21.58 6.28 -29.60
CA SER F 161 -20.73 7.44 -29.76
C SER F 161 -21.46 8.48 -30.58
N GLY F 162 -21.36 9.74 -30.17
CA GLY F 162 -21.99 10.82 -30.91
C GLY F 162 -23.47 10.97 -30.56
N VAL F 163 -23.92 10.21 -29.57
CA VAL F 163 -25.33 10.25 -29.17
C VAL F 163 -25.55 11.15 -27.95
N HIS F 164 -26.45 12.13 -28.12
CA HIS F 164 -26.82 13.06 -27.06
C HIS F 164 -28.23 12.76 -26.57
N THR F 165 -28.35 12.39 -25.31
CA THR F 165 -29.64 12.04 -24.75
C THR F 165 -30.07 13.07 -23.73
N PHE F 166 -31.32 13.52 -23.85
CA PHE F 166 -31.82 14.56 -22.99
C PHE F 166 -32.81 13.97 -21.98
N PRO F 167 -32.93 14.57 -20.79
CA PRO F 167 -33.94 14.28 -19.80
C PRO F 167 -35.32 14.46 -20.40
N ALA F 168 -36.22 13.56 -20.04
CA ALA F 168 -37.57 13.64 -20.56
C ALA F 168 -38.31 14.81 -19.96
N VAL F 169 -39.16 15.43 -20.75
CA VAL F 169 -39.99 16.52 -20.28
C VAL F 169 -41.37 16.00 -19.93
N LEU F 170 -41.87 16.37 -18.76
CA LEU F 170 -43.17 15.91 -18.29
C LEU F 170 -44.26 16.93 -18.63
N GLN F 171 -45.24 16.49 -19.43
CA GLN F 171 -46.36 17.33 -19.84
C GLN F 171 -47.65 16.55 -19.78
N SER F 172 -48.65 17.12 -19.12
CA SER F 172 -49.94 16.44 -18.98
C SER F 172 -49.76 15.03 -18.43
N ASP F 173 -48.85 14.90 -17.47
CA ASP F 173 -48.55 13.65 -16.78
C ASP F 173 -47.87 12.59 -17.66
N LEU F 174 -47.50 12.94 -18.89
CA LEU F 174 -46.78 12.02 -19.77
C LEU F 174 -45.37 12.53 -20.06
N TYR F 175 -44.45 11.62 -20.32
CA TYR F 175 -43.08 12.00 -20.58
C TYR F 175 -42.75 12.02 -22.07
N THR F 176 -41.90 12.97 -22.45
CA THR F 176 -41.38 13.06 -23.82
C THR F 176 -39.86 13.03 -23.81
N LEU F 177 -39.26 12.09 -24.52
CA LEU F 177 -37.82 11.97 -24.56
C LEU F 177 -37.24 12.47 -25.89
N SER F 178 -36.13 13.18 -25.78
CA SER F 178 -35.43 13.70 -26.94
C SER F 178 -34.04 13.05 -27.07
N SER F 179 -33.71 12.62 -28.29
CA SER F 179 -32.41 12.00 -28.56
C SER F 179 -31.93 12.35 -29.95
N SER F 180 -30.63 12.66 -30.06
CA SER F 180 -30.02 13.03 -31.33
C SER F 180 -28.63 12.43 -31.49
N VAL F 181 -28.35 11.89 -32.66
CA VAL F 181 -27.04 11.33 -32.95
C VAL F 181 -26.44 11.87 -34.24
N THR F 182 -25.15 12.21 -34.19
CA THR F 182 -24.48 12.72 -35.37
C THR F 182 -23.46 11.71 -35.90
N VAL F 183 -23.56 11.43 -37.19
CA VAL F 183 -22.67 10.49 -37.85
C VAL F 183 -22.08 11.14 -39.10
N PRO F 184 -20.98 10.61 -39.65
CA PRO F 184 -20.38 11.02 -40.91
C PRO F 184 -21.40 10.91 -42.04
N SER F 185 -21.32 11.84 -42.99
CA SER F 185 -22.26 11.88 -44.11
C SER F 185 -22.14 10.64 -44.99
N SER F 186 -21.01 9.95 -44.89
CA SER F 186 -20.73 8.74 -45.67
C SER F 186 -21.61 7.58 -45.20
N THR F 187 -22.26 7.76 -44.06
CA THR F 187 -23.11 6.74 -43.48
C THR F 187 -24.46 6.67 -44.18
N TRP F 188 -24.84 7.76 -44.84
CA TRP F 188 -26.16 7.80 -45.47
C TRP F 188 -26.11 7.96 -46.97
N PRO F 189 -27.07 7.35 -47.67
CA PRO F 189 -28.14 6.48 -47.22
C PRO F 189 -27.73 5.01 -47.18
N SER F 190 -26.43 4.75 -47.30
CA SER F 190 -25.89 3.40 -47.46
C SER F 190 -26.12 2.50 -46.24
N GLU F 191 -25.97 3.05 -45.03
CA GLU F 191 -26.08 2.22 -43.85
C GLU F 191 -27.47 2.24 -43.25
N THR F 192 -27.79 1.18 -42.50
CA THR F 192 -29.07 1.10 -41.82
C THR F 192 -28.96 1.61 -40.39
N VAL F 193 -29.81 2.58 -40.06
CA VAL F 193 -29.85 3.15 -38.72
C VAL F 193 -31.25 3.05 -38.15
N THR F 194 -31.35 2.44 -36.97
CA THR F 194 -32.65 2.27 -36.33
C THR F 194 -32.66 2.82 -34.91
N CYS F 195 -33.83 3.29 -34.49
CA CYS F 195 -34.01 3.74 -33.11
C CYS F 195 -34.74 2.67 -32.31
N ASN F 196 -34.12 2.22 -31.23
CA ASN F 196 -34.68 1.16 -30.40
C ASN F 196 -35.27 1.70 -29.11
N VAL F 197 -36.59 1.58 -28.98
CA VAL F 197 -37.30 2.11 -27.83
C VAL F 197 -37.94 1.01 -27.01
N ALA F 198 -37.59 0.93 -25.73
CA ALA F 198 -38.16 -0.09 -24.86
C ALA F 198 -38.76 0.52 -23.61
N HIS F 199 -39.99 0.16 -23.33
CA HIS F 199 -40.71 0.65 -22.17
C HIS F 199 -41.38 -0.49 -21.41
N PRO F 200 -40.63 -1.21 -20.57
CA PRO F 200 -41.03 -2.42 -19.85
C PRO F 200 -42.33 -2.25 -19.08
N ALA F 201 -42.58 -1.04 -18.57
CA ALA F 201 -43.77 -0.77 -17.79
C ALA F 201 -45.06 -1.03 -18.59
N SER F 202 -44.98 -0.86 -19.90
CA SER F 202 -46.13 -1.06 -20.76
C SER F 202 -45.90 -2.26 -21.67
N SER F 203 -44.85 -3.01 -21.39
CA SER F 203 -44.45 -4.14 -22.22
C SER F 203 -44.36 -3.76 -23.68
N THR F 204 -43.78 -2.60 -23.96
CA THR F 204 -43.69 -2.12 -25.34
C THR F 204 -42.27 -2.04 -25.86
N LYS F 205 -42.06 -2.62 -27.04
CA LYS F 205 -40.76 -2.55 -27.72
C LYS F 205 -40.94 -2.16 -29.18
N VAL F 206 -40.26 -1.11 -29.59
CA VAL F 206 -40.36 -0.58 -30.94
C VAL F 206 -39.00 -0.41 -31.62
N ASP F 207 -38.92 -0.79 -32.89
CA ASP F 207 -37.70 -0.64 -33.66
C ASP F 207 -37.99 -0.01 -35.03
N LYS F 208 -37.60 1.26 -35.19
CA LYS F 208 -37.91 1.98 -36.43
C LYS F 208 -36.66 2.39 -37.20
N LYS F 209 -36.68 2.10 -38.49
CA LYS F 209 -35.60 2.49 -39.39
C LYS F 209 -35.83 3.88 -39.94
N ILE F 210 -34.77 4.67 -40.01
CA ILE F 210 -34.85 6.00 -40.59
C ILE F 210 -34.39 5.97 -42.04
N VAL F 211 -35.16 6.62 -42.90
CA VAL F 211 -34.82 6.72 -44.31
C VAL F 211 -34.88 8.18 -44.75
N PRO F 212 -34.19 8.56 -45.83
CA PRO F 212 -34.24 9.87 -46.46
C PRO F 212 -35.68 10.20 -46.87
N ARG F 213 -36.12 11.43 -46.60
CA ARG F 213 -37.46 11.92 -46.93
C ARG F 213 -37.43 13.41 -47.18
#